data_453D
# 
_entry.id   453D 
# 
_audit_conform.dict_name       mmcif_pdbx.dic 
_audit_conform.dict_version    5.383 
_audit_conform.dict_location   http://mmcif.pdb.org/dictionaries/ascii/mmcif_pdbx.dic 
# 
loop_
_database_2.database_id 
_database_2.database_code 
_database_2.pdbx_database_accession 
_database_2.pdbx_DOI 
PDB   453D         pdb_0000453d 10.2210/pdb453d/pdb 
NDB   DD0013       ?            ?                   
RCSB  RCSB001345   ?            ?                   
WWPDB D_1000001345 ?            ?                   
# 
loop_
_pdbx_audit_revision_history.ordinal 
_pdbx_audit_revision_history.data_content_type 
_pdbx_audit_revision_history.major_revision 
_pdbx_audit_revision_history.minor_revision 
_pdbx_audit_revision_history.revision_date 
1 'Structure model' 1 0 2000-05-15 
2 'Structure model' 1 1 2008-04-26 
3 'Structure model' 1 2 2011-07-13 
4 'Structure model' 1 3 2023-12-27 
# 
_pdbx_audit_revision_details.ordinal             1 
_pdbx_audit_revision_details.revision_ordinal    1 
_pdbx_audit_revision_details.data_content_type   'Structure model' 
_pdbx_audit_revision_details.provider            repository 
_pdbx_audit_revision_details.type                'Initial release' 
_pdbx_audit_revision_details.description         ? 
_pdbx_audit_revision_details.details             ? 
# 
loop_
_pdbx_audit_revision_group.ordinal 
_pdbx_audit_revision_group.revision_ordinal 
_pdbx_audit_revision_group.data_content_type 
_pdbx_audit_revision_group.group 
1 2 'Structure model' 'Version format compliance' 
2 3 'Structure model' 'Version format compliance' 
3 4 'Structure model' 'Data collection'           
4 4 'Structure model' 'Database references'       
5 4 'Structure model' 'Derived calculations'      
# 
loop_
_pdbx_audit_revision_category.ordinal 
_pdbx_audit_revision_category.revision_ordinal 
_pdbx_audit_revision_category.data_content_type 
_pdbx_audit_revision_category.category 
1 4 'Structure model' chem_comp_atom 
2 4 'Structure model' chem_comp_bond 
3 4 'Structure model' database_2     
4 4 'Structure model' struct_site    
# 
loop_
_pdbx_audit_revision_item.ordinal 
_pdbx_audit_revision_item.revision_ordinal 
_pdbx_audit_revision_item.data_content_type 
_pdbx_audit_revision_item.item 
1 4 'Structure model' '_database_2.pdbx_DOI'                
2 4 'Structure model' '_database_2.pdbx_database_accession' 
3 4 'Structure model' '_struct_site.pdbx_auth_asym_id'      
4 4 'Structure model' '_struct_site.pdbx_auth_comp_id'      
5 4 'Structure model' '_struct_site.pdbx_auth_seq_id'       
# 
_pdbx_database_status.status_code                     REL 
_pdbx_database_status.entry_id                        453D 
_pdbx_database_status.recvd_initial_deposition_date   1999-02-18 
_pdbx_database_status.deposit_site                    NDB 
_pdbx_database_status.process_site                    NDB 
_pdbx_database_status.status_code_sf                  REL 
_pdbx_database_status.SG_entry                        . 
_pdbx_database_status.pdb_format_compatible           Y 
_pdbx_database_status.status_code_mr                  ? 
_pdbx_database_status.status_code_cs                  ? 
_pdbx_database_status.status_code_nmr_data            ? 
_pdbx_database_status.methods_development_category    ? 
# 
_audit_author.name           'Neidle, S.' 
_audit_author.pdbx_ordinal   1 
# 
_citation.id                        primary 
_citation.title                     'Symmetric bis-benzimidazoles, a new class of sequence-selective DNA-binding molecules' 
_citation.journal_abbrev            J.Chem.Soc.,Chem.Commun. 
_citation.journal_volume            ? 
_citation.page_first                929 
_citation.page_last                 930 
_citation.year                      1999 
_citation.journal_id_ASTM           ? 
_citation.country                   UK 
_citation.journal_id_ISSN           1364-548X 
_citation.journal_id_CSD            ? 
_citation.book_publisher            ? 
_citation.pdbx_database_id_PubMed   -1 
_citation.pdbx_database_id_DOI      10.1039/a901074b 
# 
loop_
_citation_author.citation_id 
_citation_author.name 
_citation_author.ordinal 
_citation_author.identifier_ORCID 
primary 'Neidle, S.'       1  ? 
primary 'Mann, J.'         2  ? 
primary 'Rayner, E.J.'     3  ? 
primary 'Baron, A.'        4  ? 
primary 'Opoku-Boahen, Y.' 5  ? 
primary 'Simpson, I.J.'    6  ? 
primary 'Smith, N.J.'      7  ? 
primary 'Fox, K.R.'        8  ? 
primary 'Hartley, J.A.'    9  ? 
primary 'Kelland, L.R.'    10 ? 
# 
loop_
_entity.id 
_entity.type 
_entity.src_method 
_entity.pdbx_description 
_entity.formula_weight 
_entity.pdbx_number_of_molecules 
_entity.pdbx_ec 
_entity.pdbx_mutation 
_entity.pdbx_fragment 
_entity.details 
1 polymer     syn 
;DNA (5'-D(*CP*GP*CP*GP*AP*AP*TP*TP*CP*GP*CP*G)-3')
;
3663.392 2   ? ? ? ? 
2 non-polymer syn '4-{[4-HYDROXY-PHENYL]-1H-BENZIMIDAZOLE-5-YL}-BENZIMIDAZOLE-2-YL-[4-HYDROXY-BENZENE]' 418.447  1   ? ? ? ? 
3 water       nat water                                                                                 18.015   174 ? ? ? ? 
# 
_entity_poly.entity_id                      1 
_entity_poly.type                           polydeoxyribonucleotide 
_entity_poly.nstd_linkage                   no 
_entity_poly.nstd_monomer                   no 
_entity_poly.pdbx_seq_one_letter_code       '(DC)(DG)(DC)(DG)(DA)(DA)(DT)(DT)(DC)(DG)(DC)(DG)' 
_entity_poly.pdbx_seq_one_letter_code_can   CGCGAATTCGCG 
_entity_poly.pdbx_strand_id                 A,B 
_entity_poly.pdbx_target_identifier         ? 
# 
loop_
_pdbx_entity_nonpoly.entity_id 
_pdbx_entity_nonpoly.name 
_pdbx_entity_nonpoly.comp_id 
2 '4-{[4-HYDROXY-PHENYL]-1H-BENZIMIDAZOLE-5-YL}-BENZIMIDAZOLE-2-YL-[4-HYDROXY-BENZENE]' E96 
3 water                                                                                 HOH 
# 
loop_
_entity_poly_seq.entity_id 
_entity_poly_seq.num 
_entity_poly_seq.mon_id 
_entity_poly_seq.hetero 
1 1  DC n 
1 2  DG n 
1 3  DC n 
1 4  DG n 
1 5  DA n 
1 6  DA n 
1 7  DT n 
1 8  DT n 
1 9  DC n 
1 10 DG n 
1 11 DC n 
1 12 DG n 
# 
loop_
_chem_comp.id 
_chem_comp.type 
_chem_comp.mon_nstd_flag 
_chem_comp.name 
_chem_comp.pdbx_synonyms 
_chem_comp.formula 
_chem_comp.formula_weight 
DA  'DNA linking' y "2'-DEOXYADENOSINE-5'-MONOPHOSPHATE"                                                  ? 'C10 H14 N5 O6 P' 
331.222 
DC  'DNA linking' y "2'-DEOXYCYTIDINE-5'-MONOPHOSPHATE"                                                   ? 'C9 H14 N3 O7 P'  
307.197 
DG  'DNA linking' y "2'-DEOXYGUANOSINE-5'-MONOPHOSPHATE"                                                  ? 'C10 H14 N5 O7 P' 
347.221 
DT  'DNA linking' y "THYMIDINE-5'-MONOPHOSPHATE"                                                          ? 'C10 H15 N2 O8 P' 
322.208 
E96 non-polymer   . '4-{[4-HYDROXY-PHENYL]-1H-BENZIMIDAZOLE-5-YL}-BENZIMIDAZOLE-2-YL-[4-HYDROXY-BENZENE]' ? 'C26 H18 N4 O2'   
418.447 
HOH non-polymer   . WATER                                                                                 ? 'H2 O'            
18.015  
# 
loop_
_pdbx_poly_seq_scheme.asym_id 
_pdbx_poly_seq_scheme.entity_id 
_pdbx_poly_seq_scheme.seq_id 
_pdbx_poly_seq_scheme.mon_id 
_pdbx_poly_seq_scheme.ndb_seq_num 
_pdbx_poly_seq_scheme.pdb_seq_num 
_pdbx_poly_seq_scheme.auth_seq_num 
_pdbx_poly_seq_scheme.pdb_mon_id 
_pdbx_poly_seq_scheme.auth_mon_id 
_pdbx_poly_seq_scheme.pdb_strand_id 
_pdbx_poly_seq_scheme.pdb_ins_code 
_pdbx_poly_seq_scheme.hetero 
A 1 1  DC 1  1  1  DC C A . n 
A 1 2  DG 2  2  2  DG G A . n 
A 1 3  DC 3  3  3  DC C A . n 
A 1 4  DG 4  4  4  DG G A . n 
A 1 5  DA 5  5  5  DA A A . n 
A 1 6  DA 6  6  6  DA A A . n 
A 1 7  DT 7  7  7  DT T A . n 
A 1 8  DT 8  8  8  DT T A . n 
A 1 9  DC 9  9  9  DC C A . n 
A 1 10 DG 10 10 10 DG G A . n 
A 1 11 DC 11 11 11 DC C A . n 
A 1 12 DG 12 12 12 DG G A . n 
B 1 1  DC 1  13 13 DC C B . n 
B 1 2  DG 2  14 14 DG G B . n 
B 1 3  DC 3  15 15 DC C B . n 
B 1 4  DG 4  16 16 DG G B . n 
B 1 5  DA 5  17 17 DA A B . n 
B 1 6  DA 6  18 18 DA A B . n 
B 1 7  DT 7  19 19 DT T B . n 
B 1 8  DT 8  20 20 DT T B . n 
B 1 9  DC 9  21 21 DC C B . n 
B 1 10 DG 10 22 22 DG G B . n 
B 1 11 DC 11 23 23 DC C B . n 
B 1 12 DG 12 24 24 DG G B . n 
# 
loop_
_pdbx_nonpoly_scheme.asym_id 
_pdbx_nonpoly_scheme.entity_id 
_pdbx_nonpoly_scheme.mon_id 
_pdbx_nonpoly_scheme.ndb_seq_num 
_pdbx_nonpoly_scheme.pdb_seq_num 
_pdbx_nonpoly_scheme.auth_seq_num 
_pdbx_nonpoly_scheme.pdb_mon_id 
_pdbx_nonpoly_scheme.auth_mon_id 
_pdbx_nonpoly_scheme.pdb_strand_id 
_pdbx_nonpoly_scheme.pdb_ins_code 
C 2 E96 1   25  25  E96 E96 A . 
D 3 HOH 1   26  26  HOH HOH A . 
D 3 HOH 2   27  27  HOH HOH A . 
D 3 HOH 3   28  28  HOH HOH A . 
D 3 HOH 4   29  29  HOH HOH A . 
D 3 HOH 5   30  30  HOH HOH A . 
D 3 HOH 6   34  34  HOH HOH A . 
D 3 HOH 7   35  35  HOH HOH A . 
D 3 HOH 8   38  38  HOH HOH A . 
D 3 HOH 9   39  39  HOH HOH A . 
D 3 HOH 10  42  42  HOH HOH A . 
D 3 HOH 11  43  43  HOH HOH A . 
D 3 HOH 12  44  44  HOH HOH A . 
D 3 HOH 13  45  45  HOH HOH A . 
D 3 HOH 14  47  47  HOH HOH A . 
D 3 HOH 15  48  48  HOH HOH A . 
D 3 HOH 16  49  49  HOH HOH A . 
D 3 HOH 17  50  50  HOH HOH A . 
D 3 HOH 18  53  53  HOH HOH A . 
D 3 HOH 19  56  56  HOH HOH A . 
D 3 HOH 20  57  57  HOH HOH A . 
D 3 HOH 21  58  58  HOH HOH A . 
D 3 HOH 22  59  59  HOH HOH A . 
D 3 HOH 23  61  61  HOH HOH A . 
D 3 HOH 24  62  62  HOH HOH A . 
D 3 HOH 25  63  63  HOH HOH A . 
D 3 HOH 26  64  64  HOH HOH A . 
D 3 HOH 27  65  65  HOH HOH A . 
D 3 HOH 28  67  67  HOH HOH A . 
D 3 HOH 29  68  68  HOH HOH A . 
D 3 HOH 30  69  69  HOH HOH A . 
D 3 HOH 31  70  70  HOH HOH A . 
D 3 HOH 32  71  71  HOH HOH A . 
D 3 HOH 33  72  72  HOH HOH A . 
D 3 HOH 34  73  73  HOH HOH A . 
D 3 HOH 35  74  74  HOH HOH A . 
D 3 HOH 36  75  75  HOH HOH A . 
D 3 HOH 37  76  76  HOH HOH A . 
D 3 HOH 38  77  77  HOH HOH A . 
D 3 HOH 39  81  81  HOH HOH A . 
D 3 HOH 40  83  83  HOH HOH A . 
D 3 HOH 41  84  84  HOH HOH A . 
D 3 HOH 42  85  85  HOH HOH A . 
D 3 HOH 43  86  86  HOH HOH A . 
D 3 HOH 44  88  88  HOH HOH A . 
D 3 HOH 45  89  89  HOH HOH A . 
D 3 HOH 46  90  90  HOH HOH A . 
D 3 HOH 47  93  93  HOH HOH A . 
D 3 HOH 48  94  94  HOH HOH A . 
D 3 HOH 49  96  96  HOH HOH A . 
D 3 HOH 50  97  97  HOH HOH A . 
D 3 HOH 51  99  99  HOH HOH A . 
D 3 HOH 52  103 103 HOH HOH A . 
D 3 HOH 53  104 104 HOH HOH A . 
D 3 HOH 54  106 106 HOH HOH A . 
D 3 HOH 55  108 108 HOH HOH A . 
D 3 HOH 56  110 110 HOH HOH A . 
D 3 HOH 57  111 111 HOH HOH A . 
D 3 HOH 58  112 112 HOH HOH A . 
D 3 HOH 59  115 115 HOH HOH A . 
D 3 HOH 60  116 116 HOH HOH A . 
D 3 HOH 61  118 118 HOH HOH A . 
D 3 HOH 62  122 122 HOH HOH A . 
D 3 HOH 63  123 123 HOH HOH A . 
D 3 HOH 64  125 125 HOH HOH A . 
D 3 HOH 65  126 126 HOH HOH A . 
D 3 HOH 66  127 127 HOH HOH A . 
D 3 HOH 67  128 128 HOH HOH A . 
D 3 HOH 68  132 132 HOH HOH A . 
D 3 HOH 69  135 135 HOH HOH A . 
D 3 HOH 70  136 136 HOH HOH A . 
D 3 HOH 71  139 139 HOH HOH A . 
D 3 HOH 72  140 140 HOH HOH A . 
D 3 HOH 73  142 142 HOH HOH A . 
D 3 HOH 74  144 144 HOH HOH A . 
D 3 HOH 75  145 145 HOH HOH A . 
D 3 HOH 76  149 149 HOH HOH A . 
D 3 HOH 77  150 150 HOH HOH A . 
D 3 HOH 78  151 151 HOH HOH A . 
D 3 HOH 79  153 153 HOH HOH A . 
D 3 HOH 80  154 154 HOH HOH A . 
D 3 HOH 81  155 155 HOH HOH A . 
D 3 HOH 82  158 158 HOH HOH A . 
D 3 HOH 83  159 159 HOH HOH A . 
D 3 HOH 84  160 160 HOH HOH A . 
D 3 HOH 85  163 163 HOH HOH A . 
D 3 HOH 86  165 165 HOH HOH A . 
D 3 HOH 87  166 166 HOH HOH A . 
D 3 HOH 88  168 168 HOH HOH A . 
D 3 HOH 89  169 169 HOH HOH A . 
D 3 HOH 90  170 170 HOH HOH A . 
D 3 HOH 91  171 171 HOH HOH A . 
D 3 HOH 92  173 173 HOH HOH A . 
D 3 HOH 93  174 174 HOH HOH A . 
D 3 HOH 94  177 177 HOH HOH A . 
D 3 HOH 95  180 180 HOH HOH A . 
D 3 HOH 96  186 186 HOH HOH A . 
D 3 HOH 97  196 196 HOH HOH A . 
D 3 HOH 98  197 197 HOH HOH A . 
D 3 HOH 99  199 199 HOH HOH A . 
D 3 HOH 100 200 200 HOH HOH A . 
D 3 HOH 101 201 201 HOH HOH A . 
D 3 HOH 102 203 203 HOH HOH A . 
D 3 HOH 103 204 204 HOH HOH A . 
D 3 HOH 104 207 207 HOH HOH A . 
D 3 HOH 105 210 210 HOH HOH A . 
D 3 HOH 106 212 212 HOH HOH A . 
D 3 HOH 107 216 216 HOH HOH A . 
D 3 HOH 108 219 219 HOH HOH A . 
D 3 HOH 109 225 225 HOH HOH A . 
E 3 HOH 1   31  31  HOH HOH B . 
E 3 HOH 2   32  32  HOH HOH B . 
E 3 HOH 3   33  33  HOH HOH B . 
E 3 HOH 4   36  36  HOH HOH B . 
E 3 HOH 5   37  37  HOH HOH B . 
E 3 HOH 6   40  40  HOH HOH B . 
E 3 HOH 7   41  41  HOH HOH B . 
E 3 HOH 8   46  46  HOH HOH B . 
E 3 HOH 9   51  51  HOH HOH B . 
E 3 HOH 10  52  52  HOH HOH B . 
E 3 HOH 11  54  54  HOH HOH B . 
E 3 HOH 12  55  55  HOH HOH B . 
E 3 HOH 13  60  60  HOH HOH B . 
E 3 HOH 14  66  66  HOH HOH B . 
E 3 HOH 15  78  78  HOH HOH B . 
E 3 HOH 16  79  79  HOH HOH B . 
E 3 HOH 17  80  80  HOH HOH B . 
E 3 HOH 18  82  82  HOH HOH B . 
E 3 HOH 19  87  87  HOH HOH B . 
E 3 HOH 20  91  91  HOH HOH B . 
E 3 HOH 21  92  92  HOH HOH B . 
E 3 HOH 22  95  95  HOH HOH B . 
E 3 HOH 23  98  98  HOH HOH B . 
E 3 HOH 24  100 100 HOH HOH B . 
E 3 HOH 25  101 101 HOH HOH B . 
E 3 HOH 26  102 102 HOH HOH B . 
E 3 HOH 27  105 105 HOH HOH B . 
E 3 HOH 28  107 107 HOH HOH B . 
E 3 HOH 29  109 109 HOH HOH B . 
E 3 HOH 30  113 113 HOH HOH B . 
E 3 HOH 31  114 114 HOH HOH B . 
E 3 HOH 32  117 117 HOH HOH B . 
E 3 HOH 33  119 119 HOH HOH B . 
E 3 HOH 34  120 120 HOH HOH B . 
E 3 HOH 35  124 124 HOH HOH B . 
E 3 HOH 36  129 129 HOH HOH B . 
E 3 HOH 37  130 130 HOH HOH B . 
E 3 HOH 38  131 131 HOH HOH B . 
E 3 HOH 39  134 134 HOH HOH B . 
E 3 HOH 40  137 137 HOH HOH B . 
E 3 HOH 41  138 138 HOH HOH B . 
E 3 HOH 42  141 141 HOH HOH B . 
E 3 HOH 43  146 146 HOH HOH B . 
E 3 HOH 44  148 148 HOH HOH B . 
E 3 HOH 45  152 152 HOH HOH B . 
E 3 HOH 46  156 156 HOH HOH B . 
E 3 HOH 47  157 157 HOH HOH B . 
E 3 HOH 48  161 161 HOH HOH B . 
E 3 HOH 49  162 162 HOH HOH B . 
E 3 HOH 50  164 164 HOH HOH B . 
E 3 HOH 51  172 172 HOH HOH B . 
E 3 HOH 52  175 175 HOH HOH B . 
E 3 HOH 53  178 178 HOH HOH B . 
E 3 HOH 54  182 182 HOH HOH B . 
E 3 HOH 55  185 185 HOH HOH B . 
E 3 HOH 56  188 188 HOH HOH B . 
E 3 HOH 57  191 191 HOH HOH B . 
E 3 HOH 58  192 192 HOH HOH B . 
E 3 HOH 59  193 193 HOH HOH B . 
E 3 HOH 60  195 195 HOH HOH B . 
E 3 HOH 61  198 198 HOH HOH B . 
E 3 HOH 62  205 205 HOH HOH B . 
E 3 HOH 63  213 213 HOH HOH B . 
E 3 HOH 64  218 218 HOH HOH B . 
E 3 HOH 65  223 223 HOH HOH B . 
# 
loop_
_software.name 
_software.classification 
_software.version 
_software.citation_id 
_software.pdbx_ordinal 
SHELXS    phasing          . ? 1 
SHELXL-97 refinement       . ? 2 
DENZO     'data reduction' . ? 3 
SCALEPACK 'data scaling'   . ? 4 
# 
_cell.entry_id           453D 
_cell.length_a           25.460 
_cell.length_b           39.960 
_cell.length_c           65.660 
_cell.angle_alpha        90.00 
_cell.angle_beta         90.00 
_cell.angle_gamma        90.00 
_cell.Z_PDB              8 
_cell.pdbx_unique_axis   ? 
# 
_symmetry.entry_id                         453D 
_symmetry.space_group_name_H-M             'P 21 21 21' 
_symmetry.pdbx_full_space_group_name_H-M   ? 
_symmetry.cell_setting                     orthorhombic 
_symmetry.Int_Tables_number                19 
# 
_exptl.entry_id          453D 
_exptl.method            'X-RAY DIFFRACTION' 
_exptl.crystals_number   1 
# 
_exptl_crystal.id                    1 
_exptl_crystal.density_meas          ? 
_exptl_crystal.density_percent_sol   43.68 
_exptl_crystal.density_Matthews      2.18 
_exptl_crystal.description           ? 
# 
_exptl_crystal_grow.crystal_id      1 
_exptl_crystal_grow.method          'VAPOR DIFFUSION, HANGING DROP' 
_exptl_crystal_grow.temp            286 
_exptl_crystal_grow.temp_details    ? 
_exptl_crystal_grow.pH              7.0 
_exptl_crystal_grow.pdbx_details    'pH 7.0, VAPOR DIFFUSION, HANGING DROP, temperature 286K' 
_exptl_crystal_grow.pdbx_pH_range   ? 
# 
loop_
_exptl_crystal_grow_comp.crystal_id 
_exptl_crystal_grow_comp.id 
_exptl_crystal_grow_comp.sol_id 
_exptl_crystal_grow_comp.name 
_exptl_crystal_grow_comp.volume 
_exptl_crystal_grow_comp.conc 
_exptl_crystal_grow_comp.details 
1 1 1 'SODIUM CACODYLATE' ? ? ? 
1 2 1 MPD                 ? ? ? 
1 3 1 MGCL2               ? ? ? 
1 4 1 KCL                 ? ? ? 
1 5 1 SPERMINE            ? ? ? 
1 6 2 MPD                 ? ? ? 
# 
_diffrn.id                     1 
_diffrn.ambient_temp           100 
_diffrn.ambient_temp_details   ? 
_diffrn.crystal_id             1 
# 
_diffrn_detector.diffrn_id              1 
_diffrn_detector.detector               'IMAGE PLATE' 
_diffrn_detector.type                   'RIGAKU RAXIS IV' 
_diffrn_detector.pdbx_collection_date   1997-09-15 
_diffrn_detector.details                'YALE MIRROR' 
# 
_diffrn_radiation.diffrn_id                        1 
_diffrn_radiation.wavelength_id                    1 
_diffrn_radiation.pdbx_monochromatic_or_laue_m_l   M 
_diffrn_radiation.monochromator                    ? 
_diffrn_radiation.pdbx_diffrn_protocol             'SINGLE WAVELENGTH' 
_diffrn_radiation.pdbx_scattering_type             x-ray 
# 
_diffrn_radiation_wavelength.id           1 
_diffrn_radiation_wavelength.wavelength   1.5418 
_diffrn_radiation_wavelength.wt           1.0 
# 
_diffrn_source.diffrn_id                   1 
_diffrn_source.source                      'ROTATING ANODE' 
_diffrn_source.type                        'RIGAKU RU200' 
_diffrn_source.pdbx_synchrotron_site       ? 
_diffrn_source.pdbx_synchrotron_beamline   ? 
_diffrn_source.pdbx_wavelength             1.5418 
_diffrn_source.pdbx_wavelength_list        ? 
# 
_reflns.entry_id                     453D 
_reflns.observed_criterion_sigma_I   2 
_reflns.observed_criterion_sigma_F   4 
_reflns.d_resolution_low             8.0 
_reflns.d_resolution_high            1.8 
_reflns.number_obs                   6157 
_reflns.number_all                   6380 
_reflns.percent_possible_obs         98. 
_reflns.pdbx_Rmerge_I_obs            0.0440000 
_reflns.pdbx_Rsym_value              ? 
_reflns.pdbx_netI_over_sigmaI        ? 
_reflns.B_iso_Wilson_estimate        ? 
_reflns.pdbx_redundancy              ? 
_reflns.R_free_details               ? 
_reflns.pdbx_diffrn_id               1 
_reflns.pdbx_ordinal                 1 
# 
_refine.entry_id                                 453D 
_refine.ls_number_reflns_obs                     ? 
_refine.ls_number_reflns_all                     6465 
_refine.pdbx_ls_sigma_I                          ? 
_refine.pdbx_ls_sigma_F                          4 
_refine.pdbx_data_cutoff_high_absF               ? 
_refine.pdbx_data_cutoff_low_absF                ? 
_refine.pdbx_data_cutoff_high_rms_absF           ? 
_refine.ls_d_res_low                             8.0 
_refine.ls_d_res_high                            1.8 
_refine.ls_percent_reflns_obs                    ? 
_refine.ls_R_factor_obs                          ? 
_refine.ls_R_factor_all                          0.2320000 
_refine.ls_R_factor_R_work                       0.2340000 
_refine.ls_R_factor_R_free                       0.2510000 
_refine.ls_R_factor_R_free_error                 ? 
_refine.ls_R_factor_R_free_error_details         ? 
_refine.ls_percent_reflns_R_free                 5 
_refine.ls_number_reflns_R_free                  319 
_refine.ls_number_parameters                     ? 
_refine.ls_number_restraints                     ? 
_refine.occupancy_min                            ? 
_refine.occupancy_max                            ? 
_refine.B_iso_mean                               ? 
_refine.aniso_B[1][1]                            ? 
_refine.aniso_B[2][2]                            ? 
_refine.aniso_B[3][3]                            ? 
_refine.aniso_B[1][2]                            ? 
_refine.aniso_B[1][3]                            ? 
_refine.aniso_B[2][3]                            ? 
_refine.solvent_model_details                    ? 
_refine.solvent_model_param_ksol                 ? 
_refine.solvent_model_param_bsol                 ? 
_refine.pdbx_ls_cross_valid_method               ? 
_refine.details                                  ? 
_refine.pdbx_starting_model                      ? 
_refine.pdbx_method_to_determine_struct          ? 
_refine.pdbx_isotropic_thermal_model             ? 
_refine.pdbx_stereochemistry_target_values       ? 
_refine.pdbx_stereochem_target_val_spec_case     ? 
_refine.pdbx_R_Free_selection_details            ? 
_refine.pdbx_overall_ESU_R                       ? 
_refine.pdbx_overall_ESU_R_Free                  ? 
_refine.overall_SU_ML                            ? 
_refine.overall_SU_B                             ? 
_refine.ls_redundancy_reflns_obs                 ? 
_refine.correlation_coeff_Fo_to_Fc               ? 
_refine.correlation_coeff_Fo_to_Fc_free          ? 
_refine.overall_SU_R_Cruickshank_DPI             ? 
_refine.overall_SU_R_free                        ? 
_refine.pdbx_refine_id                           'X-RAY DIFFRACTION' 
_refine.pdbx_diffrn_id                           1 
_refine.pdbx_TLS_residual_ADP_flag               ? 
_refine.pdbx_solvent_vdw_probe_radii             ? 
_refine.pdbx_solvent_ion_probe_radii             ? 
_refine.pdbx_solvent_shrinkage_radii             ? 
_refine.pdbx_overall_phase_error                 ? 
_refine.pdbx_overall_SU_R_free_Cruickshank_DPI   ? 
_refine.pdbx_overall_SU_R_Blow_DPI               ? 
_refine.pdbx_overall_SU_R_free_Blow_DPI          ? 
# 
_refine_hist.pdbx_refine_id                   'X-RAY DIFFRACTION' 
_refine_hist.cycle_id                         LAST 
_refine_hist.pdbx_number_atoms_protein        0 
_refine_hist.pdbx_number_atoms_nucleic_acid   486 
_refine_hist.pdbx_number_atoms_ligand         32 
_refine_hist.number_atoms_solvent             174 
_refine_hist.number_atoms_total               692 
_refine_hist.d_res_high                       1.8 
_refine_hist.d_res_low                        8.0 
# 
loop_
_refine_ls_restr.type 
_refine_ls_restr.dev_ideal 
_refine_ls_restr.dev_ideal_target 
_refine_ls_restr.weight 
_refine_ls_restr.number 
_refine_ls_restr.pdbx_refine_id 
_refine_ls_restr.pdbx_restraint_function 
s_bond_d               0.008 ? ? ? 'X-RAY DIFFRACTION' ? 
s_angle_d              0.022 ? ? ? 'X-RAY DIFFRACTION' ? 
s_similar_dist         ?     ? ? ? 'X-RAY DIFFRACTION' ? 
s_from_restr_planes    ?     ? ? ? 'X-RAY DIFFRACTION' ? 
s_zero_chiral_vol      ?     ? ? ? 'X-RAY DIFFRACTION' ? 
s_non_zero_chiral_vol  ?     ? ? ? 'X-RAY DIFFRACTION' ? 
s_anti_bump_dis_restr  ?     ? ? ? 'X-RAY DIFFRACTION' ? 
s_rigid_bond_adp_cmpnt ?     ? ? ? 'X-RAY DIFFRACTION' ? 
s_similar_adp_cmpnt    ?     ? ? ? 'X-RAY DIFFRACTION' ? 
s_approx_iso_adps      ?     ? ? ? 'X-RAY DIFFRACTION' ? 
# 
_struct.entry_id                  453D 
_struct.title                     
;5'-D(*CP*GP*CP*GP*AP*AP*TP*TP*CP*GP*CP*G)-3'-BENZIMIDAZOLE COMPLEX
;
_struct.pdbx_model_details        ? 
_struct.pdbx_CASP_flag            ? 
_struct.pdbx_model_type_details   ? 
# 
_struct_keywords.entry_id        453D 
_struct_keywords.pdbx_keywords   DNA 
_struct_keywords.text            'MINOR GROOVE BINDING, DNA' 
# 
loop_
_struct_asym.id 
_struct_asym.pdbx_blank_PDB_chainid_flag 
_struct_asym.pdbx_modified 
_struct_asym.entity_id 
_struct_asym.details 
A N N 1 ? 
B N N 1 ? 
C N N 2 ? 
D N N 3 ? 
E N N 3 ? 
# 
_struct_ref.id                         1 
_struct_ref.entity_id                  1 
_struct_ref.db_name                    PDB 
_struct_ref.db_code                    453D 
_struct_ref.pdbx_db_accession          453D 
_struct_ref.pdbx_db_isoform            ? 
_struct_ref.pdbx_seq_one_letter_code   ? 
_struct_ref.pdbx_align_begin           ? 
# 
loop_
_struct_ref_seq.align_id 
_struct_ref_seq.ref_id 
_struct_ref_seq.pdbx_PDB_id_code 
_struct_ref_seq.pdbx_strand_id 
_struct_ref_seq.seq_align_beg 
_struct_ref_seq.pdbx_seq_align_beg_ins_code 
_struct_ref_seq.seq_align_end 
_struct_ref_seq.pdbx_seq_align_end_ins_code 
_struct_ref_seq.pdbx_db_accession 
_struct_ref_seq.db_align_beg 
_struct_ref_seq.pdbx_db_align_beg_ins_code 
_struct_ref_seq.db_align_end 
_struct_ref_seq.pdbx_db_align_end_ins_code 
_struct_ref_seq.pdbx_auth_seq_align_beg 
_struct_ref_seq.pdbx_auth_seq_align_end 
1 1 453D A 1 ? 12 ? 453D 1  ? 12 ? 1  12 
2 1 453D B 1 ? 12 ? 453D 13 ? 24 ? 13 24 
# 
_pdbx_struct_assembly.id                   1 
_pdbx_struct_assembly.details              author_defined_assembly 
_pdbx_struct_assembly.method_details       ? 
_pdbx_struct_assembly.oligomeric_details   dimeric 
_pdbx_struct_assembly.oligomeric_count     2 
# 
_pdbx_struct_assembly_gen.assembly_id       1 
_pdbx_struct_assembly_gen.oper_expression   1 
_pdbx_struct_assembly_gen.asym_id_list      A,B,C,D,E 
# 
_pdbx_struct_oper_list.id                   1 
_pdbx_struct_oper_list.type                 'identity operation' 
_pdbx_struct_oper_list.name                 1_555 
_pdbx_struct_oper_list.symmetry_operation   x,y,z 
_pdbx_struct_oper_list.matrix[1][1]         1.0000000000 
_pdbx_struct_oper_list.matrix[1][2]         0.0000000000 
_pdbx_struct_oper_list.matrix[1][3]         0.0000000000 
_pdbx_struct_oper_list.vector[1]            0.0000000000 
_pdbx_struct_oper_list.matrix[2][1]         0.0000000000 
_pdbx_struct_oper_list.matrix[2][2]         1.0000000000 
_pdbx_struct_oper_list.matrix[2][3]         0.0000000000 
_pdbx_struct_oper_list.vector[2]            0.0000000000 
_pdbx_struct_oper_list.matrix[3][1]         0.0000000000 
_pdbx_struct_oper_list.matrix[3][2]         0.0000000000 
_pdbx_struct_oper_list.matrix[3][3]         1.0000000000 
_pdbx_struct_oper_list.vector[3]            0.0000000000 
# 
_struct_biol.id                    1 
_struct_biol.pdbx_parent_biol_id   ? 
_struct_biol.details               ? 
# 
loop_
_struct_conn.id 
_struct_conn.conn_type_id 
_struct_conn.pdbx_leaving_atom_flag 
_struct_conn.pdbx_PDB_id 
_struct_conn.ptnr1_label_asym_id 
_struct_conn.ptnr1_label_comp_id 
_struct_conn.ptnr1_label_seq_id 
_struct_conn.ptnr1_label_atom_id 
_struct_conn.pdbx_ptnr1_label_alt_id 
_struct_conn.pdbx_ptnr1_PDB_ins_code 
_struct_conn.pdbx_ptnr1_standard_comp_id 
_struct_conn.ptnr1_symmetry 
_struct_conn.ptnr2_label_asym_id 
_struct_conn.ptnr2_label_comp_id 
_struct_conn.ptnr2_label_seq_id 
_struct_conn.ptnr2_label_atom_id 
_struct_conn.pdbx_ptnr2_label_alt_id 
_struct_conn.pdbx_ptnr2_PDB_ins_code 
_struct_conn.ptnr1_auth_asym_id 
_struct_conn.ptnr1_auth_comp_id 
_struct_conn.ptnr1_auth_seq_id 
_struct_conn.ptnr2_auth_asym_id 
_struct_conn.ptnr2_auth_comp_id 
_struct_conn.ptnr2_auth_seq_id 
_struct_conn.ptnr2_symmetry 
_struct_conn.pdbx_ptnr3_label_atom_id 
_struct_conn.pdbx_ptnr3_label_seq_id 
_struct_conn.pdbx_ptnr3_label_comp_id 
_struct_conn.pdbx_ptnr3_label_asym_id 
_struct_conn.pdbx_ptnr3_label_alt_id 
_struct_conn.pdbx_ptnr3_PDB_ins_code 
_struct_conn.details 
_struct_conn.pdbx_dist_value 
_struct_conn.pdbx_value_order 
_struct_conn.pdbx_role 
hydrog1  hydrog ? ? A DC 1  N3 ? ? ? 1_555 B DG 12 N1 ? ? A DC 1  B DG 24 1_555 ? ? ? ? ? ? WATSON-CRICK ? ? ? 
hydrog2  hydrog ? ? A DC 1  N4 ? ? ? 1_555 B DG 12 O6 ? ? A DC 1  B DG 24 1_555 ? ? ? ? ? ? WATSON-CRICK ? ? ? 
hydrog3  hydrog ? ? A DC 1  O2 ? ? ? 1_555 B DG 12 N2 ? ? A DC 1  B DG 24 1_555 ? ? ? ? ? ? WATSON-CRICK ? ? ? 
hydrog4  hydrog ? ? A DG 2  N1 ? ? ? 1_555 B DC 11 N3 ? ? A DG 2  B DC 23 1_555 ? ? ? ? ? ? WATSON-CRICK ? ? ? 
hydrog5  hydrog ? ? A DG 2  N2 ? ? ? 1_555 B DC 11 O2 ? ? A DG 2  B DC 23 1_555 ? ? ? ? ? ? WATSON-CRICK ? ? ? 
hydrog6  hydrog ? ? A DG 2  O6 ? ? ? 1_555 B DC 11 N4 ? ? A DG 2  B DC 23 1_555 ? ? ? ? ? ? WATSON-CRICK ? ? ? 
hydrog7  hydrog ? ? A DC 3  N3 ? ? ? 1_555 B DG 10 N1 ? ? A DC 3  B DG 22 1_555 ? ? ? ? ? ? WATSON-CRICK ? ? ? 
hydrog8  hydrog ? ? A DC 3  N4 ? ? ? 1_555 B DG 10 O6 ? ? A DC 3  B DG 22 1_555 ? ? ? ? ? ? WATSON-CRICK ? ? ? 
hydrog9  hydrog ? ? A DC 3  O2 ? ? ? 1_555 B DG 10 N2 ? ? A DC 3  B DG 22 1_555 ? ? ? ? ? ? WATSON-CRICK ? ? ? 
hydrog10 hydrog ? ? A DG 4  N1 ? ? ? 1_555 B DC 9  N3 ? ? A DG 4  B DC 21 1_555 ? ? ? ? ? ? WATSON-CRICK ? ? ? 
hydrog11 hydrog ? ? A DG 4  N2 ? ? ? 1_555 B DC 9  O2 ? ? A DG 4  B DC 21 1_555 ? ? ? ? ? ? WATSON-CRICK ? ? ? 
hydrog12 hydrog ? ? A DG 4  O6 ? ? ? 1_555 B DC 9  N4 ? ? A DG 4  B DC 21 1_555 ? ? ? ? ? ? WATSON-CRICK ? ? ? 
hydrog13 hydrog ? ? A DA 5  N1 ? ? ? 1_555 B DT 8  N3 ? ? A DA 5  B DT 20 1_555 ? ? ? ? ? ? WATSON-CRICK ? ? ? 
hydrog14 hydrog ? ? A DA 5  N6 ? ? ? 1_555 B DT 8  O4 ? ? A DA 5  B DT 20 1_555 ? ? ? ? ? ? WATSON-CRICK ? ? ? 
hydrog15 hydrog ? ? A DA 6  N1 ? ? ? 1_555 B DT 7  N3 ? ? A DA 6  B DT 19 1_555 ? ? ? ? ? ? WATSON-CRICK ? ? ? 
hydrog16 hydrog ? ? A DA 6  N6 ? ? ? 1_555 B DT 7  O4 ? ? A DA 6  B DT 19 1_555 ? ? ? ? ? ? WATSON-CRICK ? ? ? 
hydrog17 hydrog ? ? A DT 7  N3 ? ? ? 1_555 B DA 6  N1 ? ? A DT 7  B DA 18 1_555 ? ? ? ? ? ? WATSON-CRICK ? ? ? 
hydrog18 hydrog ? ? A DT 7  O4 ? ? ? 1_555 B DA 6  N6 ? ? A DT 7  B DA 18 1_555 ? ? ? ? ? ? WATSON-CRICK ? ? ? 
hydrog19 hydrog ? ? A DT 8  N3 ? ? ? 1_555 B DA 5  N1 ? ? A DT 8  B DA 17 1_555 ? ? ? ? ? ? WATSON-CRICK ? ? ? 
hydrog20 hydrog ? ? A DT 8  O4 ? ? ? 1_555 B DA 5  N6 ? ? A DT 8  B DA 17 1_555 ? ? ? ? ? ? WATSON-CRICK ? ? ? 
hydrog21 hydrog ? ? A DC 9  N3 ? ? ? 1_555 B DG 4  N1 ? ? A DC 9  B DG 16 1_555 ? ? ? ? ? ? WATSON-CRICK ? ? ? 
hydrog22 hydrog ? ? A DC 9  N4 ? ? ? 1_555 B DG 4  O6 ? ? A DC 9  B DG 16 1_555 ? ? ? ? ? ? WATSON-CRICK ? ? ? 
hydrog23 hydrog ? ? A DC 9  O2 ? ? ? 1_555 B DG 4  N2 ? ? A DC 9  B DG 16 1_555 ? ? ? ? ? ? WATSON-CRICK ? ? ? 
hydrog24 hydrog ? ? A DG 10 N1 ? ? ? 1_555 B DC 3  N3 ? ? A DG 10 B DC 15 1_555 ? ? ? ? ? ? WATSON-CRICK ? ? ? 
hydrog25 hydrog ? ? A DG 10 N2 ? ? ? 1_555 B DC 3  O2 ? ? A DG 10 B DC 15 1_555 ? ? ? ? ? ? WATSON-CRICK ? ? ? 
hydrog26 hydrog ? ? A DG 10 O6 ? ? ? 1_555 B DC 3  N4 ? ? A DG 10 B DC 15 1_555 ? ? ? ? ? ? WATSON-CRICK ? ? ? 
hydrog27 hydrog ? ? A DC 11 N3 ? ? ? 1_555 B DG 2  N1 ? ? A DC 11 B DG 14 1_555 ? ? ? ? ? ? WATSON-CRICK ? ? ? 
hydrog28 hydrog ? ? A DC 11 N4 ? ? ? 1_555 B DG 2  O6 ? ? A DC 11 B DG 14 1_555 ? ? ? ? ? ? WATSON-CRICK ? ? ? 
hydrog29 hydrog ? ? A DC 11 O2 ? ? ? 1_555 B DG 2  N2 ? ? A DC 11 B DG 14 1_555 ? ? ? ? ? ? WATSON-CRICK ? ? ? 
hydrog30 hydrog ? ? A DG 12 N1 ? ? ? 1_555 B DC 1  N3 ? ? A DG 12 B DC 13 1_555 ? ? ? ? ? ? WATSON-CRICK ? ? ? 
hydrog31 hydrog ? ? A DG 12 N2 ? ? ? 1_555 B DC 1  O2 ? ? A DG 12 B DC 13 1_555 ? ? ? ? ? ? WATSON-CRICK ? ? ? 
hydrog32 hydrog ? ? A DG 12 O6 ? ? ? 1_555 B DC 1  N4 ? ? A DG 12 B DC 13 1_555 ? ? ? ? ? ? WATSON-CRICK ? ? ? 
# 
_struct_conn_type.id          hydrog 
_struct_conn_type.criteria    ? 
_struct_conn_type.reference   ? 
# 
loop_
_struct_site.id 
_struct_site.pdbx_evidence_code 
_struct_site.pdbx_auth_asym_id 
_struct_site.pdbx_auth_comp_id 
_struct_site.pdbx_auth_seq_id 
_struct_site.pdbx_auth_ins_code 
_struct_site.pdbx_num_residues 
_struct_site.details 
AC1 Software A E96 25 ? 14 'BINDING SITE FOR RESIDUE E96 A 25' 
1   ?        ? ?   ?  ? ?  ?                                   
# 
loop_
_struct_site_gen.id 
_struct_site_gen.site_id 
_struct_site_gen.pdbx_num_res 
_struct_site_gen.label_comp_id 
_struct_site_gen.label_asym_id 
_struct_site_gen.label_seq_id 
_struct_site_gen.pdbx_auth_ins_code 
_struct_site_gen.auth_comp_id 
_struct_site_gen.auth_asym_id 
_struct_site_gen.auth_seq_id 
_struct_site_gen.label_atom_id 
_struct_site_gen.label_alt_id 
_struct_site_gen.symmetry 
_struct_site_gen.details 
1  AC1 14 DA  A 6 ? DA  A 6   . ? 1_555 ? 
2  AC1 14 DT  A 7 ? DT  A 7   . ? 1_555 ? 
3  AC1 14 DT  A 8 ? DT  A 8   . ? 1_555 ? 
4  AC1 14 DC  A 9 ? DC  A 9   . ? 1_555 ? 
5  AC1 14 HOH D . ? HOH A 34  . ? 1_555 ? 
6  AC1 14 HOH D . ? HOH A 85  . ? 1_555 ? 
7  AC1 14 HOH D . ? HOH A 123 . ? 1_555 ? 
8  AC1 14 HOH D . ? HOH A 140 . ? 1_555 ? 
9  AC1 14 HOH D . ? HOH A 151 . ? 1_555 ? 
10 AC1 14 HOH D . ? HOH A 171 . ? 1_555 ? 
11 AC1 14 DA  B 6 ? DA  B 18  . ? 1_555 ? 
12 AC1 14 DT  B 7 ? DT  B 19  . ? 1_555 ? 
13 AC1 14 DT  B 8 ? DT  B 20  . ? 1_555 ? 
14 AC1 14 DC  B 9 ? DC  B 21  . ? 1_555 ? 
# 
loop_
_pdbx_validate_rmsd_angle.id 
_pdbx_validate_rmsd_angle.PDB_model_num 
_pdbx_validate_rmsd_angle.auth_atom_id_1 
_pdbx_validate_rmsd_angle.auth_asym_id_1 
_pdbx_validate_rmsd_angle.auth_comp_id_1 
_pdbx_validate_rmsd_angle.auth_seq_id_1 
_pdbx_validate_rmsd_angle.PDB_ins_code_1 
_pdbx_validate_rmsd_angle.label_alt_id_1 
_pdbx_validate_rmsd_angle.auth_atom_id_2 
_pdbx_validate_rmsd_angle.auth_asym_id_2 
_pdbx_validate_rmsd_angle.auth_comp_id_2 
_pdbx_validate_rmsd_angle.auth_seq_id_2 
_pdbx_validate_rmsd_angle.PDB_ins_code_2 
_pdbx_validate_rmsd_angle.label_alt_id_2 
_pdbx_validate_rmsd_angle.auth_atom_id_3 
_pdbx_validate_rmsd_angle.auth_asym_id_3 
_pdbx_validate_rmsd_angle.auth_comp_id_3 
_pdbx_validate_rmsd_angle.auth_seq_id_3 
_pdbx_validate_rmsd_angle.PDB_ins_code_3 
_pdbx_validate_rmsd_angle.label_alt_id_3 
_pdbx_validate_rmsd_angle.angle_value 
_pdbx_validate_rmsd_angle.angle_target_value 
_pdbx_validate_rmsd_angle.angle_deviation 
_pdbx_validate_rmsd_angle.angle_standard_deviation 
_pdbx_validate_rmsd_angle.linker_flag 
1 1 "C3'" A DA 5  ? ? "O3'" A DA 5  ? ? P     A DA 6  ? ? 127.03 119.70 7.33  1.20 Y 
2 1 "C3'" A DG 10 ? ? "C2'" A DG 10 ? ? "C1'" A DG 10 ? ? 96.36  102.40 -6.04 0.80 N 
3 1 "O4'" A DG 12 ? ? "C1'" A DG 12 ? ? N9    A DG 12 ? ? 102.51 108.00 -5.49 0.70 N 
4 1 "C3'" B DG 14 ? ? "O3'" B DG 14 ? ? P     B DC 15 ? ? 128.53 119.70 8.83  1.20 Y 
5 1 N1    B DG 16 ? ? C6    B DG 16 ? ? O6    B DG 16 ? ? 116.14 119.90 -3.76 0.60 N 
6 1 "O4'" B DC 21 ? ? "C1'" B DC 21 ? ? N1    B DC 21 ? ? 101.13 108.00 -6.87 0.70 N 
7 1 "O4'" B DC 23 ? ? "C1'" B DC 23 ? ? N1    B DC 23 ? ? 112.07 108.30 3.77  0.30 N 
# 
_struct_site_keywords.site_id   1 
_struct_site_keywords.text      'MINOR GROOVE BINDER' 
# 
loop_
_chem_comp_atom.comp_id 
_chem_comp_atom.atom_id 
_chem_comp_atom.type_symbol 
_chem_comp_atom.pdbx_aromatic_flag 
_chem_comp_atom.pdbx_stereo_config 
_chem_comp_atom.pdbx_ordinal 
DA  OP3    O N N 1   
DA  P      P N N 2   
DA  OP1    O N N 3   
DA  OP2    O N N 4   
DA  "O5'"  O N N 5   
DA  "C5'"  C N N 6   
DA  "C4'"  C N R 7   
DA  "O4'"  O N N 8   
DA  "C3'"  C N S 9   
DA  "O3'"  O N N 10  
DA  "C2'"  C N N 11  
DA  "C1'"  C N R 12  
DA  N9     N Y N 13  
DA  C8     C Y N 14  
DA  N7     N Y N 15  
DA  C5     C Y N 16  
DA  C6     C Y N 17  
DA  N6     N N N 18  
DA  N1     N Y N 19  
DA  C2     C Y N 20  
DA  N3     N Y N 21  
DA  C4     C Y N 22  
DA  HOP3   H N N 23  
DA  HOP2   H N N 24  
DA  "H5'"  H N N 25  
DA  "H5''" H N N 26  
DA  "H4'"  H N N 27  
DA  "H3'"  H N N 28  
DA  "HO3'" H N N 29  
DA  "H2'"  H N N 30  
DA  "H2''" H N N 31  
DA  "H1'"  H N N 32  
DA  H8     H N N 33  
DA  H61    H N N 34  
DA  H62    H N N 35  
DA  H2     H N N 36  
DC  OP3    O N N 37  
DC  P      P N N 38  
DC  OP1    O N N 39  
DC  OP2    O N N 40  
DC  "O5'"  O N N 41  
DC  "C5'"  C N N 42  
DC  "C4'"  C N R 43  
DC  "O4'"  O N N 44  
DC  "C3'"  C N S 45  
DC  "O3'"  O N N 46  
DC  "C2'"  C N N 47  
DC  "C1'"  C N R 48  
DC  N1     N N N 49  
DC  C2     C N N 50  
DC  O2     O N N 51  
DC  N3     N N N 52  
DC  C4     C N N 53  
DC  N4     N N N 54  
DC  C5     C N N 55  
DC  C6     C N N 56  
DC  HOP3   H N N 57  
DC  HOP2   H N N 58  
DC  "H5'"  H N N 59  
DC  "H5''" H N N 60  
DC  "H4'"  H N N 61  
DC  "H3'"  H N N 62  
DC  "HO3'" H N N 63  
DC  "H2'"  H N N 64  
DC  "H2''" H N N 65  
DC  "H1'"  H N N 66  
DC  H41    H N N 67  
DC  H42    H N N 68  
DC  H5     H N N 69  
DC  H6     H N N 70  
DG  OP3    O N N 71  
DG  P      P N N 72  
DG  OP1    O N N 73  
DG  OP2    O N N 74  
DG  "O5'"  O N N 75  
DG  "C5'"  C N N 76  
DG  "C4'"  C N R 77  
DG  "O4'"  O N N 78  
DG  "C3'"  C N S 79  
DG  "O3'"  O N N 80  
DG  "C2'"  C N N 81  
DG  "C1'"  C N R 82  
DG  N9     N Y N 83  
DG  C8     C Y N 84  
DG  N7     N Y N 85  
DG  C5     C Y N 86  
DG  C6     C N N 87  
DG  O6     O N N 88  
DG  N1     N N N 89  
DG  C2     C N N 90  
DG  N2     N N N 91  
DG  N3     N N N 92  
DG  C4     C Y N 93  
DG  HOP3   H N N 94  
DG  HOP2   H N N 95  
DG  "H5'"  H N N 96  
DG  "H5''" H N N 97  
DG  "H4'"  H N N 98  
DG  "H3'"  H N N 99  
DG  "HO3'" H N N 100 
DG  "H2'"  H N N 101 
DG  "H2''" H N N 102 
DG  "H1'"  H N N 103 
DG  H8     H N N 104 
DG  H1     H N N 105 
DG  H21    H N N 106 
DG  H22    H N N 107 
DT  OP3    O N N 108 
DT  P      P N N 109 
DT  OP1    O N N 110 
DT  OP2    O N N 111 
DT  "O5'"  O N N 112 
DT  "C5'"  C N N 113 
DT  "C4'"  C N R 114 
DT  "O4'"  O N N 115 
DT  "C3'"  C N S 116 
DT  "O3'"  O N N 117 
DT  "C2'"  C N N 118 
DT  "C1'"  C N R 119 
DT  N1     N N N 120 
DT  C2     C N N 121 
DT  O2     O N N 122 
DT  N3     N N N 123 
DT  C4     C N N 124 
DT  O4     O N N 125 
DT  C5     C N N 126 
DT  C7     C N N 127 
DT  C6     C N N 128 
DT  HOP3   H N N 129 
DT  HOP2   H N N 130 
DT  "H5'"  H N N 131 
DT  "H5''" H N N 132 
DT  "H4'"  H N N 133 
DT  "H3'"  H N N 134 
DT  "HO3'" H N N 135 
DT  "H2'"  H N N 136 
DT  "H2''" H N N 137 
DT  "H1'"  H N N 138 
DT  H3     H N N 139 
DT  H71    H N N 140 
DT  H72    H N N 141 
DT  H73    H N N 142 
DT  H6     H N N 143 
E96 OA     O N N 144 
E96 C1A    C Y N 145 
E96 C2A    C Y N 146 
E96 C3A    C Y N 147 
E96 C4A    C Y N 148 
E96 C5A    C Y N 149 
E96 C6A    C Y N 150 
E96 C1B    C Y N 151 
E96 N2B    N Y N 152 
E96 N3B    N Y N 153 
E96 C4B    C Y N 154 
E96 C5B    C Y N 155 
E96 C6B    C Y N 156 
E96 C7B    C Y N 157 
E96 C8B    C Y N 158 
E96 C9B    C Y N 159 
E96 C9C    C Y N 160 
E96 C8C    C Y N 161 
E96 C7C    C Y N 162 
E96 C6C    C Y N 163 
E96 C5C    C Y N 164 
E96 C4C    C Y N 165 
E96 N3C    N Y N 166 
E96 N2C    N Y N 167 
E96 C1C    C Y N 168 
E96 C6D    C Y N 169 
E96 C5D    C Y N 170 
E96 C4D    C Y N 171 
E96 C3D    C Y N 172 
E96 C2D    C Y N 173 
E96 C1D    C Y N 174 
E96 OD     O N N 175 
E96 HOA    H N N 176 
E96 H2A    H N N 177 
E96 H3A    H N N 178 
E96 H4A    H N N 179 
E96 H5A    H N N 180 
E96 H2B    H N N 181 
E96 H6B    H N N 182 
E96 H7B    H N N 183 
E96 H8B    H N N 184 
E96 H8C    H N N 185 
E96 H7C    H N N 186 
E96 H6C    H N N 187 
E96 H2C    H N N 188 
E96 H5D    H N N 189 
E96 H4D    H N N 190 
E96 H3D    H N N 191 
E96 H2D    H N N 192 
E96 HOD    H N N 193 
HOH O      O N N 194 
HOH H1     H N N 195 
HOH H2     H N N 196 
# 
loop_
_chem_comp_bond.comp_id 
_chem_comp_bond.atom_id_1 
_chem_comp_bond.atom_id_2 
_chem_comp_bond.value_order 
_chem_comp_bond.pdbx_aromatic_flag 
_chem_comp_bond.pdbx_stereo_config 
_chem_comp_bond.pdbx_ordinal 
DA  OP3   P      sing N N 1   
DA  OP3   HOP3   sing N N 2   
DA  P     OP1    doub N N 3   
DA  P     OP2    sing N N 4   
DA  P     "O5'"  sing N N 5   
DA  OP2   HOP2   sing N N 6   
DA  "O5'" "C5'"  sing N N 7   
DA  "C5'" "C4'"  sing N N 8   
DA  "C5'" "H5'"  sing N N 9   
DA  "C5'" "H5''" sing N N 10  
DA  "C4'" "O4'"  sing N N 11  
DA  "C4'" "C3'"  sing N N 12  
DA  "C4'" "H4'"  sing N N 13  
DA  "O4'" "C1'"  sing N N 14  
DA  "C3'" "O3'"  sing N N 15  
DA  "C3'" "C2'"  sing N N 16  
DA  "C3'" "H3'"  sing N N 17  
DA  "O3'" "HO3'" sing N N 18  
DA  "C2'" "C1'"  sing N N 19  
DA  "C2'" "H2'"  sing N N 20  
DA  "C2'" "H2''" sing N N 21  
DA  "C1'" N9     sing N N 22  
DA  "C1'" "H1'"  sing N N 23  
DA  N9    C8     sing Y N 24  
DA  N9    C4     sing Y N 25  
DA  C8    N7     doub Y N 26  
DA  C8    H8     sing N N 27  
DA  N7    C5     sing Y N 28  
DA  C5    C6     sing Y N 29  
DA  C5    C4     doub Y N 30  
DA  C6    N6     sing N N 31  
DA  C6    N1     doub Y N 32  
DA  N6    H61    sing N N 33  
DA  N6    H62    sing N N 34  
DA  N1    C2     sing Y N 35  
DA  C2    N3     doub Y N 36  
DA  C2    H2     sing N N 37  
DA  N3    C4     sing Y N 38  
DC  OP3   P      sing N N 39  
DC  OP3   HOP3   sing N N 40  
DC  P     OP1    doub N N 41  
DC  P     OP2    sing N N 42  
DC  P     "O5'"  sing N N 43  
DC  OP2   HOP2   sing N N 44  
DC  "O5'" "C5'"  sing N N 45  
DC  "C5'" "C4'"  sing N N 46  
DC  "C5'" "H5'"  sing N N 47  
DC  "C5'" "H5''" sing N N 48  
DC  "C4'" "O4'"  sing N N 49  
DC  "C4'" "C3'"  sing N N 50  
DC  "C4'" "H4'"  sing N N 51  
DC  "O4'" "C1'"  sing N N 52  
DC  "C3'" "O3'"  sing N N 53  
DC  "C3'" "C2'"  sing N N 54  
DC  "C3'" "H3'"  sing N N 55  
DC  "O3'" "HO3'" sing N N 56  
DC  "C2'" "C1'"  sing N N 57  
DC  "C2'" "H2'"  sing N N 58  
DC  "C2'" "H2''" sing N N 59  
DC  "C1'" N1     sing N N 60  
DC  "C1'" "H1'"  sing N N 61  
DC  N1    C2     sing N N 62  
DC  N1    C6     sing N N 63  
DC  C2    O2     doub N N 64  
DC  C2    N3     sing N N 65  
DC  N3    C4     doub N N 66  
DC  C4    N4     sing N N 67  
DC  C4    C5     sing N N 68  
DC  N4    H41    sing N N 69  
DC  N4    H42    sing N N 70  
DC  C5    C6     doub N N 71  
DC  C5    H5     sing N N 72  
DC  C6    H6     sing N N 73  
DG  OP3   P      sing N N 74  
DG  OP3   HOP3   sing N N 75  
DG  P     OP1    doub N N 76  
DG  P     OP2    sing N N 77  
DG  P     "O5'"  sing N N 78  
DG  OP2   HOP2   sing N N 79  
DG  "O5'" "C5'"  sing N N 80  
DG  "C5'" "C4'"  sing N N 81  
DG  "C5'" "H5'"  sing N N 82  
DG  "C5'" "H5''" sing N N 83  
DG  "C4'" "O4'"  sing N N 84  
DG  "C4'" "C3'"  sing N N 85  
DG  "C4'" "H4'"  sing N N 86  
DG  "O4'" "C1'"  sing N N 87  
DG  "C3'" "O3'"  sing N N 88  
DG  "C3'" "C2'"  sing N N 89  
DG  "C3'" "H3'"  sing N N 90  
DG  "O3'" "HO3'" sing N N 91  
DG  "C2'" "C1'"  sing N N 92  
DG  "C2'" "H2'"  sing N N 93  
DG  "C2'" "H2''" sing N N 94  
DG  "C1'" N9     sing N N 95  
DG  "C1'" "H1'"  sing N N 96  
DG  N9    C8     sing Y N 97  
DG  N9    C4     sing Y N 98  
DG  C8    N7     doub Y N 99  
DG  C8    H8     sing N N 100 
DG  N7    C5     sing Y N 101 
DG  C5    C6     sing N N 102 
DG  C5    C4     doub Y N 103 
DG  C6    O6     doub N N 104 
DG  C6    N1     sing N N 105 
DG  N1    C2     sing N N 106 
DG  N1    H1     sing N N 107 
DG  C2    N2     sing N N 108 
DG  C2    N3     doub N N 109 
DG  N2    H21    sing N N 110 
DG  N2    H22    sing N N 111 
DG  N3    C4     sing N N 112 
DT  OP3   P      sing N N 113 
DT  OP3   HOP3   sing N N 114 
DT  P     OP1    doub N N 115 
DT  P     OP2    sing N N 116 
DT  P     "O5'"  sing N N 117 
DT  OP2   HOP2   sing N N 118 
DT  "O5'" "C5'"  sing N N 119 
DT  "C5'" "C4'"  sing N N 120 
DT  "C5'" "H5'"  sing N N 121 
DT  "C5'" "H5''" sing N N 122 
DT  "C4'" "O4'"  sing N N 123 
DT  "C4'" "C3'"  sing N N 124 
DT  "C4'" "H4'"  sing N N 125 
DT  "O4'" "C1'"  sing N N 126 
DT  "C3'" "O3'"  sing N N 127 
DT  "C3'" "C2'"  sing N N 128 
DT  "C3'" "H3'"  sing N N 129 
DT  "O3'" "HO3'" sing N N 130 
DT  "C2'" "C1'"  sing N N 131 
DT  "C2'" "H2'"  sing N N 132 
DT  "C2'" "H2''" sing N N 133 
DT  "C1'" N1     sing N N 134 
DT  "C1'" "H1'"  sing N N 135 
DT  N1    C2     sing N N 136 
DT  N1    C6     sing N N 137 
DT  C2    O2     doub N N 138 
DT  C2    N3     sing N N 139 
DT  N3    C4     sing N N 140 
DT  N3    H3     sing N N 141 
DT  C4    O4     doub N N 142 
DT  C4    C5     sing N N 143 
DT  C5    C7     sing N N 144 
DT  C5    C6     doub N N 145 
DT  C7    H71    sing N N 146 
DT  C7    H72    sing N N 147 
DT  C7    H73    sing N N 148 
DT  C6    H6     sing N N 149 
E96 OA    C1A    sing N N 150 
E96 OA    HOA    sing N N 151 
E96 C1A   C2A    doub Y N 152 
E96 C1A   C4A    sing Y N 153 
E96 C2A   C3A    sing Y N 154 
E96 C2A   H2A    sing N N 155 
E96 C3A   C6A    doub Y N 156 
E96 C3A   H3A    sing N N 157 
E96 C4A   C5A    doub Y N 158 
E96 C4A   H4A    sing N N 159 
E96 C5A   C6A    sing Y N 160 
E96 C5A   H5A    sing N N 161 
E96 C6A   C1B    sing Y N 162 
E96 C1B   N2B    sing Y N 163 
E96 C1B   N3B    doub Y N 164 
E96 N2B   C5B    sing Y N 165 
E96 N2B   H2B    sing N N 166 
E96 N3B   C4B    sing Y N 167 
E96 C4B   C5B    doub Y N 168 
E96 C4B   C7B    sing Y N 169 
E96 C5B   C6B    sing Y N 170 
E96 C6B   C9B    doub Y N 171 
E96 C6B   H6B    sing N N 172 
E96 C7B   C8B    doub Y N 173 
E96 C7B   H7B    sing N N 174 
E96 C8B   C9B    sing Y N 175 
E96 C8B   H8B    sing N N 176 
E96 C9B   C9C    sing Y N 177 
E96 C9C   C8C    sing Y N 178 
E96 C9C   C6C    doub Y N 179 
E96 C8C   C7C    doub Y N 180 
E96 C8C   H8C    sing N N 181 
E96 C7C   C4C    sing Y N 182 
E96 C7C   H7C    sing N N 183 
E96 C6C   C5C    sing Y N 184 
E96 C6C   H6C    sing N N 185 
E96 C5C   C4C    doub Y N 186 
E96 C5C   N2C    sing Y N 187 
E96 C4C   N3C    sing Y N 188 
E96 N3C   C1C    doub Y N 189 
E96 N2C   C1C    sing Y N 190 
E96 N2C   H2C    sing N N 191 
E96 C1C   C6D    sing Y N 192 
E96 C6D   C5D    doub Y N 193 
E96 C6D   C3D    sing Y N 194 
E96 C5D   C4D    sing Y N 195 
E96 C5D   H5D    sing N N 196 
E96 C4D   C1D    doub Y N 197 
E96 C4D   H4D    sing N N 198 
E96 C3D   C2D    doub Y N 199 
E96 C3D   H3D    sing N N 200 
E96 C2D   C1D    sing Y N 201 
E96 C2D   H2D    sing N N 202 
E96 C1D   OD     sing N N 203 
E96 OD    HOD    sing N N 204 
HOH O     H1     sing N N 205 
HOH O     H2     sing N N 206 
# 
_ndb_struct_conf_na.entry_id   453D 
_ndb_struct_conf_na.feature    'b-form double helix' 
# 
loop_
_ndb_struct_na_base_pair.model_number 
_ndb_struct_na_base_pair.i_label_asym_id 
_ndb_struct_na_base_pair.i_label_comp_id 
_ndb_struct_na_base_pair.i_label_seq_id 
_ndb_struct_na_base_pair.i_symmetry 
_ndb_struct_na_base_pair.j_label_asym_id 
_ndb_struct_na_base_pair.j_label_comp_id 
_ndb_struct_na_base_pair.j_label_seq_id 
_ndb_struct_na_base_pair.j_symmetry 
_ndb_struct_na_base_pair.shear 
_ndb_struct_na_base_pair.stretch 
_ndb_struct_na_base_pair.stagger 
_ndb_struct_na_base_pair.buckle 
_ndb_struct_na_base_pair.propeller 
_ndb_struct_na_base_pair.opening 
_ndb_struct_na_base_pair.pair_number 
_ndb_struct_na_base_pair.pair_name 
_ndb_struct_na_base_pair.i_auth_asym_id 
_ndb_struct_na_base_pair.i_auth_seq_id 
_ndb_struct_na_base_pair.i_PDB_ins_code 
_ndb_struct_na_base_pair.j_auth_asym_id 
_ndb_struct_na_base_pair.j_auth_seq_id 
_ndb_struct_na_base_pair.j_PDB_ins_code 
_ndb_struct_na_base_pair.hbond_type_28 
_ndb_struct_na_base_pair.hbond_type_12 
1 A DC 1  1_555 B DG 12 1_555 0.286  -0.115 0.225  1.469   -16.064 -2.289 1  A_DC1:DG24_B  A 1  ? B 24 ? 19 1 
1 A DG 2  1_555 B DC 11 1_555 -0.359 -0.251 0.224  0.925   -11.318 -5.588 2  A_DG2:DC23_B  A 2  ? B 23 ? 19 1 
1 A DC 3  1_555 B DG 10 1_555 0.279  -0.099 0.191  -5.321  -3.813  -1.071 3  A_DC3:DG22_B  A 3  ? B 22 ? 19 1 
1 A DG 4  1_555 B DC 9  1_555 -0.434 -0.200 -0.340 11.071  -12.394 1.669  4  A_DG4:DC21_B  A 4  ? B 21 ? 19 1 
1 A DA 5  1_555 B DT 8  1_555 0.147  -0.108 0.138  12.989  -20.811 2.889  5  A_DA5:DT20_B  A 5  ? B 20 ? 20 1 
1 A DA 6  1_555 B DT 7  1_555 0.027  -0.216 0.131  -2.128  -15.974 5.000  6  A_DA6:DT19_B  A 6  ? B 19 ? 20 1 
1 A DT 7  1_555 B DA 6  1_555 -0.067 -0.089 0.344  -1.633  -21.196 6.098  7  A_DT7:DA18_B  A 7  ? B 18 ? 20 1 
1 A DT 8  1_555 B DA 5  1_555 -0.228 -0.105 -0.073 -5.939  -17.326 3.795  8  A_DT8:DA17_B  A 8  ? B 17 ? 20 1 
1 A DC 9  1_555 B DG 4  1_555 0.141  -0.184 0.385  -17.216 -7.816  -2.001 9  A_DC9:DG16_B  A 9  ? B 16 ? 19 1 
1 A DG 10 1_555 B DC 3  1_555 0.009  -0.094 0.359  6.922   -12.798 0.421  10 A_DG10:DC15_B A 10 ? B 15 ? 19 1 
1 A DC 11 1_555 B DG 2  1_555 -0.035 -0.220 0.438  -0.549  -20.649 -3.116 11 A_DC11:DG14_B A 11 ? B 14 ? 19 1 
1 A DG 12 1_555 B DC 1  1_555 -0.403 -0.251 0.410  9.502   -5.541  -2.878 12 A_DG12:DC13_B A 12 ? B 13 ? 19 1 
# 
loop_
_ndb_struct_na_base_pair_step.model_number 
_ndb_struct_na_base_pair_step.i_label_asym_id_1 
_ndb_struct_na_base_pair_step.i_label_comp_id_1 
_ndb_struct_na_base_pair_step.i_label_seq_id_1 
_ndb_struct_na_base_pair_step.i_symmetry_1 
_ndb_struct_na_base_pair_step.j_label_asym_id_1 
_ndb_struct_na_base_pair_step.j_label_comp_id_1 
_ndb_struct_na_base_pair_step.j_label_seq_id_1 
_ndb_struct_na_base_pair_step.j_symmetry_1 
_ndb_struct_na_base_pair_step.i_label_asym_id_2 
_ndb_struct_na_base_pair_step.i_label_comp_id_2 
_ndb_struct_na_base_pair_step.i_label_seq_id_2 
_ndb_struct_na_base_pair_step.i_symmetry_2 
_ndb_struct_na_base_pair_step.j_label_asym_id_2 
_ndb_struct_na_base_pair_step.j_label_comp_id_2 
_ndb_struct_na_base_pair_step.j_label_seq_id_2 
_ndb_struct_na_base_pair_step.j_symmetry_2 
_ndb_struct_na_base_pair_step.shift 
_ndb_struct_na_base_pair_step.slide 
_ndb_struct_na_base_pair_step.rise 
_ndb_struct_na_base_pair_step.tilt 
_ndb_struct_na_base_pair_step.roll 
_ndb_struct_na_base_pair_step.twist 
_ndb_struct_na_base_pair_step.x_displacement 
_ndb_struct_na_base_pair_step.y_displacement 
_ndb_struct_na_base_pair_step.helical_rise 
_ndb_struct_na_base_pair_step.inclination 
_ndb_struct_na_base_pair_step.tip 
_ndb_struct_na_base_pair_step.helical_twist 
_ndb_struct_na_base_pair_step.step_number 
_ndb_struct_na_base_pair_step.step_name 
_ndb_struct_na_base_pair_step.i_auth_asym_id_1 
_ndb_struct_na_base_pair_step.i_auth_seq_id_1 
_ndb_struct_na_base_pair_step.i_PDB_ins_code_1 
_ndb_struct_na_base_pair_step.j_auth_asym_id_1 
_ndb_struct_na_base_pair_step.j_auth_seq_id_1 
_ndb_struct_na_base_pair_step.j_PDB_ins_code_1 
_ndb_struct_na_base_pair_step.i_auth_asym_id_2 
_ndb_struct_na_base_pair_step.i_auth_seq_id_2 
_ndb_struct_na_base_pair_step.i_PDB_ins_code_2 
_ndb_struct_na_base_pair_step.j_auth_asym_id_2 
_ndb_struct_na_base_pair_step.j_auth_seq_id_2 
_ndb_struct_na_base_pair_step.j_PDB_ins_code_2 
1 A DC 1  1_555 B DG 12 1_555 A DG 2  1_555 B DC 11 1_555 -0.146 0.026  3.315 0.846  4.878   34.034 -0.728 0.381  3.282 8.279   
-1.437  34.382 1  AA_DC1DG2:DC23DG24_BB   A 1  ? B 24 ? A 2  ? B 23 ? 
1 A DG 2  1_555 B DC 11 1_555 A DC 3  1_555 B DG 10 1_555 0.865  0.582  3.424 1.322  -5.372  42.627 1.347  -1.045 3.354 -7.352  
-1.809  42.968 2  AA_DG2DC3:DG22DC23_BB   A 2  ? B 23 ? A 3  ? B 22 ? 
1 A DC 3  1_555 B DG 10 1_555 A DG 4  1_555 B DC 9  1_555 -0.370 0.742  3.012 5.044  13.522  24.242 -1.553 1.909  2.886 29.129  
-10.865 28.157 3  AA_DC3DG4:DC21DG22_BB   A 3  ? B 22 ? A 4  ? B 21 ? 
1 A DG 4  1_555 B DC 9  1_555 A DA 5  1_555 B DT 8  1_555 0.136  -0.020 3.256 -3.540 0.292   38.950 -0.065 -0.625 3.232 0.437   
5.296   39.106 4  AA_DG4DA5:DT20DC21_BB   A 4  ? B 21 ? A 5  ? B 20 ? 
1 A DA 5  1_555 B DT 8  1_555 A DA 6  1_555 B DT 7  1_555 0.018  -0.497 3.484 -1.070 3.273   35.748 -1.302 -0.190 3.425 5.316   
1.739   35.909 5  AA_DA5DA6:DT19DT20_BB   A 5  ? B 20 ? A 6  ? B 19 ? 
1 A DA 6  1_555 B DT 7  1_555 A DT 7  1_555 B DA 6  1_555 0.071  -0.631 3.176 0.732  -1.916  31.856 -0.808 0.000  3.208 -3.487  
-1.332  31.920 6  AA_DA6DT7:DA18DT19_BB   A 6  ? B 19 ? A 7  ? B 18 ? 
1 A DT 7  1_555 B DA 6  1_555 A DT 8  1_555 B DA 5  1_555 -0.094 -0.449 3.250 2.768  -0.011  34.918 -0.745 0.569  3.234 -0.019  
-4.604  35.024 7  AA_DT7DT8:DA17DA18_BB   A 7  ? B 18 ? A 8  ? B 17 ? 
1 A DT 8  1_555 B DA 5  1_555 A DC 9  1_555 B DG 4  1_555 -0.054 -0.162 3.589 -1.880 -3.667  41.096 0.203  -0.145 3.588 -5.208  
2.670   41.293 8  AA_DT8DC9:DG16DA17_BB   A 8  ? B 17 ? A 9  ? B 16 ? 
1 A DC 9  1_555 B DG 4  1_555 A DG 10 1_555 B DC 3  1_555 0.435  0.921  2.825 0.284  8.269   27.177 0.153  -0.828 2.974 17.101  
-0.587  28.386 9  AA_DC9DG10:DC15DG16_BB  A 9  ? B 16 ? A 10 ? B 15 ? 
1 A DG 10 1_555 B DC 3  1_555 A DC 11 1_555 B DG 2  1_555 -1.207 0.567  3.549 -6.398 -14.274 41.697 2.190  0.952  3.334 -19.258 
8.632   44.411 10 AA_DG10DC11:DG14DC15_BB A 10 ? B 15 ? A 11 ? B 14 ? 
1 A DC 11 1_555 B DG 2  1_555 A DG 12 1_555 B DC 1  1_555 0.310  0.398  2.950 1.514  5.220   35.035 -0.046 -0.306 2.987 8.607   
-2.496  35.441 11 AA_DC11DG12:DC13DG14_BB A 11 ? B 14 ? A 12 ? B 13 ? 
# 
_atom_sites.entry_id                    453D 
_atom_sites.fract_transf_matrix[1][1]   -0.00737314 
_atom_sites.fract_transf_matrix[1][2]   0.03837863 
_atom_sites.fract_transf_matrix[1][3]   -0.00392433 
_atom_sites.fract_transf_matrix[2][1]   0.02358499 
_atom_sites.fract_transf_matrix[2][2]   0.00520115 
_atom_sites.fract_transf_matrix[2][3]   0.00655340 
_atom_sites.fract_transf_matrix[3][1]   0.00421339 
_atom_sites.fract_transf_matrix[3][2]   -0.00068543 
_atom_sites.fract_transf_matrix[3][3]   -0.01461952 
_atom_sites.fract_transf_vector[1]      0.571692 
_atom_sites.fract_transf_vector[2]      0.526168 
_atom_sites.fract_transf_vector[3]      0.132202 
# 
loop_
_atom_type.symbol 
C 
N 
O 
P 
# 
loop_
_atom_site.group_PDB 
_atom_site.id 
_atom_site.type_symbol 
_atom_site.label_atom_id 
_atom_site.label_alt_id 
_atom_site.label_comp_id 
_atom_site.label_asym_id 
_atom_site.label_entity_id 
_atom_site.label_seq_id 
_atom_site.pdbx_PDB_ins_code 
_atom_site.Cartn_x 
_atom_site.Cartn_y 
_atom_site.Cartn_z 
_atom_site.occupancy 
_atom_site.B_iso_or_equiv 
_atom_site.pdbx_formal_charge 
_atom_site.auth_seq_id 
_atom_site.auth_comp_id 
_atom_site.auth_asym_id 
_atom_site.auth_atom_id 
_atom_site.pdbx_PDB_model_num 
ATOM   1   O "O5'" . DC  A 1 1  ? 15.635  8.173   -11.185 1.00 21.06 ? 1   DC  A "O5'" 1 
ATOM   2   C "C5'" . DC  A 1 1  ? 14.886  7.145   -11.819 1.00 14.72 ? 1   DC  A "C5'" 1 
ATOM   3   C "C4'" . DC  A 1 1  ? 13.550  7.704   -12.272 1.00 8.63  ? 1   DC  A "C4'" 1 
ATOM   4   O "O4'" . DC  A 1 1  ? 12.878  6.737   -13.082 1.00 16.69 ? 1   DC  A "O4'" 1 
ATOM   5   C "C3'" . DC  A 1 1  ? 12.607  8.049   -11.119 1.00 23.80 ? 1   DC  A "C3'" 1 
ATOM   6   O "O3'" . DC  A 1 1  ? 11.944  9.283   -11.374 1.00 25.32 ? 1   DC  A "O3'" 1 
ATOM   7   C "C2'" . DC  A 1 1  ? 11.698  6.838   -11.061 1.00 20.34 ? 1   DC  A "C2'" 1 
ATOM   8   C "C1'" . DC  A 1 1  ? 11.595  6.440   -12.527 1.00 22.34 ? 1   DC  A "C1'" 1 
ATOM   9   N N1    . DC  A 1 1  ? 11.344  5.025   -12.823 1.00 17.11 ? 1   DC  A N1    1 
ATOM   10  C C2    . DC  A 1 1  ? 10.347  4.752   -13.779 1.00 16.85 ? 1   DC  A C2    1 
ATOM   11  O O2    . DC  A 1 1  ? 9.765   5.734   -14.285 1.00 15.90 ? 1   DC  A O2    1 
ATOM   12  N N3    . DC  A 1 1  ? 10.050  3.478   -14.111 1.00 18.51 ? 1   DC  A N3    1 
ATOM   13  C C4    . DC  A 1 1  ? 10.712  2.473   -13.533 1.00 13.43 ? 1   DC  A C4    1 
ATOM   14  N N4    . DC  A 1 1  ? 10.387  1.231   -13.892 1.00 17.98 ? 1   DC  A N4    1 
ATOM   15  C C5    . DC  A 1 1  ? 11.727  2.716   -12.564 1.00 16.33 ? 1   DC  A C5    1 
ATOM   16  C C6    . DC  A 1 1  ? 12.011  3.987   -12.240 1.00 17.00 ? 1   DC  A C6    1 
ATOM   17  P P     . DG  A 1 2  ? 11.124  10.033  -10.203 1.00 32.20 ? 2   DG  A P     1 
ATOM   18  O OP1   . DG  A 1 2  ? 11.266  11.509  -10.357 1.00 39.03 ? 2   DG  A OP1   1 
ATOM   19  O OP2   . DG  A 1 2  ? 11.431  9.410   -8.898  1.00 21.46 ? 2   DG  A OP2   1 
ATOM   20  O "O5'" . DG  A 1 2  ? 9.620   9.663   -10.611 1.00 31.66 ? 2   DG  A "O5'" 1 
ATOM   21  C "C5'" . DG  A 1 2  ? 9.153   10.029  -11.919 1.00 25.16 ? 2   DG  A "C5'" 1 
ATOM   22  C "C4'" . DG  A 1 2  ? 7.686   9.650   -12.019 1.00 19.24 ? 2   DG  A "C4'" 1 
ATOM   23  O "O4'" . DG  A 1 2  ? 7.550   8.249   -12.324 1.00 20.79 ? 2   DG  A "O4'" 1 
ATOM   24  C "C3'" . DG  A 1 2  ? 6.903   9.891   -10.732 1.00 18.19 ? 2   DG  A "C3'" 1 
ATOM   25  O "O3'" . DG  A 1 2  ? 5.707   10.571  -11.076 1.00 24.38 ? 2   DG  A "O3'" 1 
ATOM   26  C "C2'" . DG  A 1 2  ? 6.735   8.498   -10.155 1.00 17.94 ? 2   DG  A "C2'" 1 
ATOM   27  C "C1'" . DG  A 1 2  ? 6.656   7.628   -11.389 1.00 13.07 ? 2   DG  A "C1'" 1 
ATOM   28  N N9    . DG  A 1 2  ? 7.134   6.255   -11.296 1.00 13.63 ? 2   DG  A N9    1 
ATOM   29  C C8    . DG  A 1 2  ? 8.129   5.743   -10.511 1.00 12.61 ? 2   DG  A C8    1 
ATOM   30  N N7    . DG  A 1 2  ? 8.311   4.453   -10.673 1.00 18.56 ? 2   DG  A N7    1 
ATOM   31  C C5    . DG  A 1 2  ? 7.364   4.106   -11.630 1.00 10.62 ? 2   DG  A C5    1 
ATOM   32  C C6    . DG  A 1 2  ? 7.081   2.849   -12.210 1.00 7.88  ? 2   DG  A C6    1 
ATOM   33  O O6    . DG  A 1 2  ? 7.629   1.765   -11.981 1.00 18.11 ? 2   DG  A O6    1 
ATOM   34  N N1    . DG  A 1 2  ? 6.048   2.926   -13.142 1.00 10.28 ? 2   DG  A N1    1 
ATOM   35  C C2    . DG  A 1 2  ? 5.378   4.084   -13.462 1.00 10.33 ? 2   DG  A C2    1 
ATOM   36  N N2    . DG  A 1 2  ? 4.400   3.989   -14.387 1.00 13.14 ? 2   DG  A N2    1 
ATOM   37  N N3    . DG  A 1 2  ? 5.635   5.259   -12.929 1.00 17.73 ? 2   DG  A N3    1 
ATOM   38  C C4    . DG  A 1 2  ? 6.638   5.197   -12.022 1.00 15.13 ? 2   DG  A C4    1 
ATOM   39  P P     . DC  A 1 3  ? 4.665   11.185  -10.021 1.00 20.71 ? 3   DC  A P     1 
ATOM   40  O OP1   . DC  A 1 3  ? 4.349   12.579  -10.413 1.00 27.33 ? 3   DC  A OP1   1 
ATOM   41  O OP2   . DC  A 1 3  ? 5.100   10.870  -8.636  1.00 28.55 ? 3   DC  A OP2   1 
ATOM   42  O "O5'" . DC  A 1 3  ? 3.356   10.294  -10.280 1.00 20.39 ? 3   DC  A "O5'" 1 
ATOM   43  C "C5'" . DC  A 1 3  ? 2.855   10.094  -11.595 1.00 20.70 ? 3   DC  A "C5'" 1 
ATOM   44  C "C4'" . DC  A 1 3  ? 2.090   8.797   -11.696 1.00 19.46 ? 3   DC  A "C4'" 1 
ATOM   45  O "O4'" . DC  A 1 3  ? 3.014   7.684   -11.684 1.00 20.36 ? 3   DC  A "O4'" 1 
ATOM   46  C "C3'" . DC  A 1 3  ? 1.114   8.537   -10.553 1.00 19.93 ? 3   DC  A "C3'" 1 
ATOM   47  O "O3'" . DC  A 1 3  ? -0.207  8.946   -10.915 1.00 23.44 ? 3   DC  A "O3'" 1 
ATOM   48  C "C2'" . DC  A 1 3  ? 1.177   7.061   -10.302 1.00 22.82 ? 3   DC  A "C2'" 1 
ATOM   49  C "C1'" . DC  A 1 3  ? 2.352   6.561   -11.122 1.00 22.69 ? 3   DC  A "C1'" 1 
ATOM   50  N N1    . DC  A 1 3  ? 3.344   5.836   -10.317 1.00 17.31 ? 3   DC  A N1    1 
ATOM   51  C C2    . DC  A 1 3  ? 3.477   4.474   -10.555 1.00 11.92 ? 3   DC  A C2    1 
ATOM   52  O O2    . DC  A 1 3  ? 2.771   3.941   -11.422 1.00 18.58 ? 3   DC  A O2    1 
ATOM   53  N N3    . DC  A 1 3  ? 4.370   3.766   -9.842  1.00 15.17 ? 3   DC  A N3    1 
ATOM   54  C C4    . DC  A 1 3  ? 5.119   4.363   -8.913  1.00 12.04 ? 3   DC  A C4    1 
ATOM   55  N N4    . DC  A 1 3  ? 5.980   3.552   -8.264  1.00 12.13 ? 3   DC  A N4    1 
ATOM   56  C C5    . DC  A 1 3  ? 5.002   5.751   -8.649  1.00 15.37 ? 3   DC  A C5    1 
ATOM   57  C C6    . DC  A 1 3  ? 4.108   6.461   -9.362  1.00 15.76 ? 3   DC  A C6    1 
ATOM   58  P P     . DG  A 1 4  ? -1.379  8.948   -9.804  1.00 27.57 ? 4   DG  A P     1 
ATOM   59  O OP1   . DG  A 1 4  ? -2.290  10.088  -10.126 1.00 45.21 ? 4   DG  A OP1   1 
ATOM   60  O OP2   . DG  A 1 4  ? -0.832  8.875   -8.420  1.00 19.51 ? 4   DG  A OP2   1 
ATOM   61  O "O5'" . DG  A 1 4  ? -2.151  7.595   -10.070 1.00 21.77 ? 4   DG  A "O5'" 1 
ATOM   62  C "C5'" . DG  A 1 4  ? -2.373  7.037   -11.351 1.00 19.59 ? 4   DG  A "C5'" 1 
ATOM   63  C "C4'" . DG  A 1 4  ? -2.949  5.650   -11.221 1.00 25.09 ? 4   DG  A "C4'" 1 
ATOM   64  O "O4'" . DG  A 1 4  ? -1.901  4.712   -10.874 1.00 22.90 ? 4   DG  A "O4'" 1 
ATOM   65  C "C3'" . DG  A 1 4  ? -4.011  5.488   -10.135 1.00 22.05 ? 4   DG  A "C3'" 1 
ATOM   66  O "O3'" . DG  A 1 4  ? -4.992  4.563   -10.565 1.00 29.23 ? 4   DG  A "O3'" 1 
ATOM   67  C "C2'" . DG  A 1 4  ? -3.234  5.007   -8.936  1.00 18.95 ? 4   DG  A "C2'" 1 
ATOM   68  C "C1'" . DG  A 1 4  ? -2.160  4.148   -9.598  1.00 25.09 ? 4   DG  A "C1'" 1 
ATOM   69  N N9    . DG  A 1 4  ? -0.901  4.124   -8.858  1.00 21.24 ? 4   DG  A N9    1 
ATOM   70  C C8    . DG  A 1 4  ? -0.364  5.114   -8.078  1.00 17.59 ? 4   DG  A C8    1 
ATOM   71  N N7    . DG  A 1 4  ? 0.779   4.781   -7.551  1.00 12.18 ? 4   DG  A N7    1 
ATOM   72  C C5    . DG  A 1 4  ? 1.004   3.484   -8.019  1.00 14.82 ? 4   DG  A C5    1 
ATOM   73  C C6    . DG  A 1 4  ? 2.087   2.592   -7.787  1.00 20.07 ? 4   DG  A C6    1 
ATOM   74  O O6    . DG  A 1 4  ? 3.093   2.802   -7.089  1.00 32.62 ? 4   DG  A O6    1 
ATOM   75  N N1    . DG  A 1 4  ? 1.927   1.376   -8.448  1.00 14.47 ? 4   DG  A N1    1 
ATOM   76  C C2    . DG  A 1 4  ? 0.837   1.064   -9.241  1.00 15.78 ? 4   DG  A C2    1 
ATOM   77  N N2    . DG  A 1 4  ? 0.855   -0.154  -9.797  1.00 16.18 ? 4   DG  A N2    1 
ATOM   78  N N3    . DG  A 1 4  ? -0.182  1.877   -9.473  1.00 11.78 ? 4   DG  A N3    1 
ATOM   79  C C4    . DG  A 1 4  ? -0.023  3.061   -8.829  1.00 16.18 ? 4   DG  A C4    1 
ATOM   80  P P     . DA  A 1 5  ? -6.123  4.057   -9.542  1.00 28.26 ? 5   DA  A P     1 
ATOM   81  O OP1   . DA  A 1 5  ? -7.437  4.041   -10.225 1.00 37.29 ? 5   DA  A OP1   1 
ATOM   82  O OP2   . DA  A 1 5  ? -5.983  4.749   -8.221  1.00 20.58 ? 5   DA  A OP2   1 
ATOM   83  O "O5'" . DA  A 1 5  ? -5.694  2.538   -9.299  1.00 20.93 ? 5   DA  A "O5'" 1 
ATOM   84  C "C5'" . DA  A 1 5  ? -5.426  1.683   -10.415 1.00 23.33 ? 5   DA  A "C5'" 1 
ATOM   85  C "C4'" . DA  A 1 5  ? -4.929  0.359   -9.890  1.00 26.82 ? 5   DA  A "C4'" 1 
ATOM   86  O "O4'" . DA  A 1 5  ? -3.666  0.561   -9.214  1.00 24.96 ? 5   DA  A "O4'" 1 
ATOM   87  C "C3'" . DA  A 1 5  ? -5.856  -0.323  -8.880  1.00 24.39 ? 5   DA  A "C3'" 1 
ATOM   88  O "O3'" . DA  A 1 5  ? -5.965  -1.691  -9.218  1.00 22.81 ? 5   DA  A "O3'" 1 
ATOM   89  C "C2'" . DA  A 1 5  ? -5.194  -0.056  -7.549  1.00 22.40 ? 5   DA  A "C2'" 1 
ATOM   90  C "C1'" . DA  A 1 5  ? -3.713  -0.003  -7.908  1.00 23.54 ? 5   DA  A "C1'" 1 
ATOM   91  N N9    . DA  A 1 5  ? -2.873  0.837   -7.050  1.00 15.15 ? 5   DA  A N9    1 
ATOM   92  C C8    . DA  A 1 5  ? -3.121  2.092   -6.573  1.00 18.91 ? 5   DA  A C8    1 
ATOM   93  N N7    . DA  A 1 5  ? -2.175  2.585   -5.825  1.00 16.24 ? 5   DA  A N7    1 
ATOM   94  C C5    . DA  A 1 5  ? -1.209  1.587   -5.797  1.00 15.78 ? 5   DA  A C5    1 
ATOM   95  C C6    . DA  A 1 5  ? 0.049   1.499   -5.168  1.00 15.04 ? 5   DA  A C6    1 
ATOM   96  N N6    . DA  A 1 5  ? 0.580   2.466   -4.414  1.00 16.85 ? 5   DA  A N6    1 
ATOM   97  N N1    . DA  A 1 5  ? 0.769   0.368   -5.333  1.00 14.96 ? 5   DA  A N1    1 
ATOM   98  C C2    . DA  A 1 5  ? 0.232   -0.597  -6.090  1.00 23.30 ? 5   DA  A C2    1 
ATOM   99  N N3    . DA  A 1 5  ? -0.935  -0.631  -6.730  1.00 27.41 ? 5   DA  A N3    1 
ATOM   100 C C4    . DA  A 1 5  ? -1.627  0.501   -6.549  1.00 17.31 ? 5   DA  A C4    1 
ATOM   101 P P     . DA  A 1 6  ? -6.809  -2.806  -8.451  1.00 25.06 ? 6   DA  A P     1 
ATOM   102 O OP1   . DA  A 1 6  ? -7.189  -3.878  -9.423  1.00 15.99 ? 6   DA  A OP1   1 
ATOM   103 O OP2   . DA  A 1 6  ? -7.871  -2.172  -7.630  1.00 19.15 ? 6   DA  A OP2   1 
ATOM   104 O "O5'" . DA  A 1 6  ? -5.780  -3.485  -7.406  1.00 18.53 ? 6   DA  A "O5'" 1 
ATOM   105 C "C5'" . DA  A 1 6  ? -4.718  -4.310  -7.906  1.00 16.88 ? 6   DA  A "C5'" 1 
ATOM   106 C "C4'" . DA  A 1 6  ? -3.819  -4.741  -6.775  1.00 12.53 ? 6   DA  A "C4'" 1 
ATOM   107 O "O4'" . DA  A 1 6  ? -3.119  -3.618  -6.200  1.00 17.35 ? 6   DA  A "O4'" 1 
ATOM   108 C "C3'" . DA  A 1 6  ? -4.599  -5.406  -5.637  1.00 11.44 ? 6   DA  A "C3'" 1 
ATOM   109 O "O3'" . DA  A 1 6  ? -4.137  -6.741  -5.547  1.00 14.06 ? 6   DA  A "O3'" 1 
ATOM   110 C "C2'" . DA  A 1 6  ? -4.327  -4.538  -4.433  1.00 9.81  ? 6   DA  A "C2'" 1 
ATOM   111 C "C1'" . DA  A 1 6  ? -3.074  -3.760  -4.774  1.00 13.35 ? 6   DA  A "C1'" 1 
ATOM   112 N N9    . DA  A 1 6  ? -2.956  -2.400  -4.247  1.00 11.77 ? 6   DA  A N9    1 
ATOM   113 C C8    . DA  A 1 6  ? -3.810  -1.336  -4.403  1.00 12.83 ? 6   DA  A C8    1 
ATOM   114 N N7    . DA  A 1 6  ? -3.429  -0.227  -3.803  1.00 15.43 ? 6   DA  A N7    1 
ATOM   115 C C5    . DA  A 1 6  ? -2.218  -0.600  -3.206  1.00 13.41 ? 6   DA  A C5    1 
ATOM   116 C C6    . DA  A 1 6  ? -1.304  0.123   -2.419  1.00 17.09 ? 6   DA  A C6    1 
ATOM   117 N N6    . DA  A 1 6  ? -1.463  1.399   -2.086  1.00 18.95 ? 6   DA  A N6    1 
ATOM   118 N N1    . DA  A 1 6  ? -0.211  -0.540  -1.983  1.00 10.30 ? 6   DA  A N1    1 
ATOM   119 C C2    . DA  A 1 6  ? -0.041  -1.820  -2.312  1.00 16.28 ? 6   DA  A C2    1 
ATOM   120 N N3    . DA  A 1 6  ? -0.834  -2.602  -3.047  1.00 11.34 ? 6   DA  A N3    1 
ATOM   121 C C4    . DA  A 1 6  ? -1.917  -1.914  -3.464  1.00 11.18 ? 6   DA  A C4    1 
ATOM   122 P P     . DT  A 1 7  ? -4.689  -7.826  -4.509  1.00 16.65 ? 7   DT  A P     1 
ATOM   123 O OP1   . DT  A 1 7  ? -4.534  -9.179  -5.089  1.00 20.21 ? 7   DT  A OP1   1 
ATOM   124 O OP2   . DT  A 1 7  ? -6.064  -7.387  -4.090  1.00 18.43 ? 7   DT  A OP2   1 
ATOM   125 O "O5'" . DT  A 1 7  ? -3.753  -7.665  -3.232  1.00 20.49 ? 7   DT  A "O5'" 1 
ATOM   126 C "C5'" . DT  A 1 7  ? -2.334  -7.617  -3.357  1.00 13.98 ? 7   DT  A "C5'" 1 
ATOM   127 C "C4'" . DT  A 1 7  ? -1.693  -7.131  -2.073  1.00 9.59  ? 7   DT  A "C4'" 1 
ATOM   128 O "O4'" . DT  A 1 7  ? -1.898  -5.705  -1.957  1.00 8.25  ? 7   DT  A "O4'" 1 
ATOM   129 C "C3'" . DT  A 1 7  ? -2.235  -7.732  -0.773  1.00 20.05 ? 7   DT  A "C3'" 1 
ATOM   130 O "O3'" . DT  A 1 7  ? -1.271  -8.634  -0.236  1.00 16.71 ? 7   DT  A "O3'" 1 
ATOM   131 C "C2'" . DT  A 1 7  ? -2.510  -6.559  0.137   1.00 12.02 ? 7   DT  A "C2'" 1 
ATOM   132 C "C1'" . DT  A 1 7  ? -1.809  -5.402  -0.556  1.00 8.51  ? 7   DT  A "C1'" 1 
ATOM   133 N N1    . DT  A 1 7  ? -2.409  -4.088  -0.383  1.00 10.22 ? 7   DT  A N1    1 
ATOM   134 C C2    . DT  A 1 7  ? -1.643  -3.132  0.253   1.00 18.85 ? 7   DT  A C2    1 
ATOM   135 O O2    . DT  A 1 7  ? -0.510  -3.381  0.647   1.00 18.53 ? 7   DT  A O2    1 
ATOM   136 N N3    . DT  A 1 7  ? -2.268  -1.921  0.383   1.00 13.53 ? 7   DT  A N3    1 
ATOM   137 C C4    . DT  A 1 7  ? -3.530  -1.576  -0.035  1.00 13.88 ? 7   DT  A C4    1 
ATOM   138 O O4    . DT  A 1 7  ? -3.968  -0.439  0.150   1.00 20.44 ? 7   DT  A O4    1 
ATOM   139 C C5    . DT  A 1 7  ? -4.288  -2.627  -0.693  1.00 13.78 ? 7   DT  A C5    1 
ATOM   140 C C7    . DT  A 1 7  ? -5.671  -2.274  -1.161  1.00 14.23 ? 7   DT  A C7    1 
ATOM   141 C C6    . DT  A 1 7  ? -3.700  -3.813  -0.833  1.00 13.76 ? 7   DT  A C6    1 
ATOM   142 P P     . DT  A 1 8  ? -1.520  -9.559  1.048   1.00 26.32 ? 8   DT  A P     1 
ATOM   143 O OP1   . DT  A 1 8  ? -0.709  -10.809 0.930   1.00 29.46 ? 8   DT  A OP1   1 
ATOM   144 O OP2   . DT  A 1 8  ? -2.960  -9.687  1.381   1.00 19.77 ? 8   DT  A OP2   1 
ATOM   145 O "O5'" . DT  A 1 8  ? -0.826  -8.685  2.211   1.00 23.86 ? 8   DT  A "O5'" 1 
ATOM   146 C "C5'" . DT  A 1 8  ? 0.465   -8.117  1.922   1.00 18.71 ? 8   DT  A "C5'" 1 
ATOM   147 C "C4'" . DT  A 1 8  ? 0.804   -7.089  2.973   1.00 21.99 ? 8   DT  A "C4'" 1 
ATOM   148 O "O4'" . DT  A 1 8  ? 0.050   -5.870  2.774   1.00 22.59 ? 8   DT  A "O4'" 1 
ATOM   149 C "C3'" . DT  A 1 8  ? 0.497   -7.538  4.406   1.00 27.11 ? 8   DT  A "C3'" 1 
ATOM   150 O "O3'" . DT  A 1 8  ? 1.703   -7.581  5.152   1.00 31.45 ? 8   DT  A "O3'" 1 
ATOM   151 C "C2'" . DT  A 1 8  ? -0.489  -6.527  4.941   1.00 14.78 ? 8   DT  A "C2'" 1 
ATOM   152 C "C1'" . DT  A 1 8  ? -0.252  -5.319  4.076   1.00 16.18 ? 8   DT  A "C1'" 1 
ATOM   153 N N1    . DT  A 1 8  ? -1.362  -4.384  3.838   1.00 14.87 ? 8   DT  A N1    1 
ATOM   154 C C2    . DT  A 1 8  ? -1.224  -3.049  4.153   1.00 15.94 ? 8   DT  A C2    1 
ATOM   155 O O2    . DT  A 1 8  ? -0.194  -2.604  4.636   1.00 18.09 ? 8   DT  A O2    1 
ATOM   156 N N3    . DT  A 1 8  ? -2.336  -2.280  3.879   1.00 15.51 ? 8   DT  A N3    1 
ATOM   157 C C4    . DT  A 1 8  ? -3.538  -2.709  3.333   1.00 9.81  ? 8   DT  A C4    1 
ATOM   158 O O4    . DT  A 1 8  ? -4.473  -1.936  3.128   1.00 13.84 ? 8   DT  A O4    1 
ATOM   159 C C5    . DT  A 1 8  ? -3.604  -4.120  3.029   1.00 14.92 ? 8   DT  A C5    1 
ATOM   160 C C7    . DT  A 1 8  ? -4.848  -4.712  2.437   1.00 14.69 ? 8   DT  A C7    1 
ATOM   161 C C6    . DT  A 1 8  ? -2.534  -4.860  3.293   1.00 13.68 ? 8   DT  A C6    1 
ATOM   162 P P     . DC  A 1 9  ? 1.744   -7.989  6.708   1.00 29.76 ? 9   DC  A P     1 
ATOM   163 O OP1   . DC  A 1 9  ? 3.073   -8.627  6.940   1.00 19.36 ? 9   DC  A OP1   1 
ATOM   164 O OP2   . DC  A 1 9  ? 0.468   -8.664  7.100   1.00 17.90 ? 9   DC  A OP2   1 
ATOM   165 O "O5'" . DC  A 1 9  ? 1.751   -6.589  7.481   1.00 23.68 ? 9   DC  A "O5'" 1 
ATOM   166 C "C5'" . DC  A 1 9  ? 2.575   -5.549  6.986   1.00 21.74 ? 9   DC  A "C5'" 1 
ATOM   167 C "C4'" . DC  A 1 9  ? 2.465   -4.250  7.737   1.00 30.53 ? 9   DC  A "C4'" 1 
ATOM   168 O "O4'" . DC  A 1 9  ? 1.255   -3.568  7.293   1.00 25.17 ? 9   DC  A "O4'" 1 
ATOM   169 C "C3'" . DC  A 1 9  ? 2.345   -4.323  9.255   1.00 33.91 ? 9   DC  A "C3'" 1 
ATOM   170 O "O3'" . DC  A 1 9  ? 3.230   -3.376  9.841   1.00 39.45 ? 9   DC  A "O3'" 1 
ATOM   171 C "C2'" . DC  A 1 9  ? 0.901   -4.025  9.558   1.00 29.33 ? 9   DC  A "C2'" 1 
ATOM   172 C "C1'" . DC  A 1 9  ? 0.534   -3.084  8.428   1.00 23.04 ? 9   DC  A "C1'" 1 
ATOM   173 N N1    . DC  A 1 9  ? -0.873  -3.049  8.009   1.00 21.91 ? 9   DC  A N1    1 
ATOM   174 C C2    . DC  A 1 9  ? -1.586  -1.853  8.059   1.00 15.48 ? 9   DC  A C2    1 
ATOM   175 O O2    . DC  A 1 9  ? -1.056  -0.805  8.457   1.00 12.79 ? 9   DC  A O2    1 
ATOM   176 N N3    . DC  A 1 9  ? -2.882  -1.839  7.665   1.00 19.67 ? 9   DC  A N3    1 
ATOM   177 C C4    . DC  A 1 9  ? -3.464  -2.963  7.236   1.00 11.33 ? 9   DC  A C4    1 
ATOM   178 N N4    . DC  A 1 9  ? -4.732  -2.876  6.868   1.00 13.27 ? 9   DC  A N4    1 
ATOM   179 C C5    . DC  A 1 9  ? -2.758  -4.194  7.173   1.00 18.65 ? 9   DC  A C5    1 
ATOM   180 C C6    . DC  A 1 9  ? -1.475  -4.194  7.564   1.00 23.73 ? 9   DC  A C6    1 
ATOM   181 P P     . DG  A 1 10 ? 3.945   -3.656  11.251  1.00 37.37 ? 10  DG  A P     1 
ATOM   182 O OP1   . DG  A 1 10 ? 5.385   -3.271  11.164  1.00 33.26 ? 10  DG  A OP1   1 
ATOM   183 O OP2   . DG  A 1 10 ? 3.572   -5.007  11.744  1.00 26.48 ? 10  DG  A OP2   1 
ATOM   184 O "O5'" . DG  A 1 10 ? 3.262   -2.613  12.248  1.00 25.87 ? 10  DG  A "O5'" 1 
ATOM   185 C "C5'" . DG  A 1 10 ? 2.860   -1.297  11.901  1.00 19.22 ? 10  DG  A "C5'" 1 
ATOM   186 C "C4'" . DG  A 1 10 ? 1.691   -0.906  12.775  1.00 19.00 ? 10  DG  A "C4'" 1 
ATOM   187 O "O4'" . DG  A 1 10 ? 0.471   -1.289  12.060  1.00 19.80 ? 10  DG  A "O4'" 1 
ATOM   188 C "C3'" . DG  A 1 10 ? 1.551   -1.561  14.133  1.00 30.90 ? 10  DG  A "C3'" 1 
ATOM   189 O "O3'" . DG  A 1 10 ? 1.003   -0.717  15.130  1.00 35.38 ? 10  DG  A "O3'" 1 
ATOM   190 C "C2'" . DG  A 1 10 ? 0.592   -2.716  13.858  1.00 33.20 ? 10  DG  A "C2'" 1 
ATOM   191 C "C1'" . DG  A 1 10 ? -0.398  -1.915  13.009  1.00 21.37 ? 10  DG  A "C1'" 1 
ATOM   192 N N9    . DG  A 1 10 ? -1.415  -2.667  12.295  1.00 20.30 ? 10  DG  A N9    1 
ATOM   193 C C8    . DG  A 1 10 ? -1.546  -4.002  12.043  1.00 24.08 ? 10  DG  A C8    1 
ATOM   194 N N7    . DG  A 1 10 ? -2.616  -4.298  11.355  1.00 22.32 ? 10  DG  A N7    1 
ATOM   195 C C5    . DG  A 1 10 ? -3.237  -3.071  11.140  1.00 26.08 ? 10  DG  A C5    1 
ATOM   196 C C6    . DG  A 1 10 ? -4.435  -2.730  10.458  1.00 20.77 ? 10  DG  A C6    1 
ATOM   197 O O6    . DG  A 1 10 ? -5.225  -3.492  9.881   1.00 17.13 ? 10  DG  A O6    1 
ATOM   198 N N1    . DG  A 1 10 ? -4.687  -1.364  10.484  1.00 21.79 ? 10  DG  A N1    1 
ATOM   199 C C2    . DG  A 1 10 ? -3.881  -0.423  11.094  1.00 20.74 ? 10  DG  A C2    1 
ATOM   200 N N2    . DG  A 1 10 ? -4.290  0.852   11.013  1.00 13.20 ? 10  DG  A N2    1 
ATOM   201 N N3    . DG  A 1 10 ? -2.763  -0.731  11.732  1.00 18.62 ? 10  DG  A N3    1 
ATOM   202 C C4    . DG  A 1 10 ? -2.509  -2.052  11.713  1.00 20.47 ? 10  DG  A C4    1 
ATOM   203 P P     . DC  A 1 11 ? 1.910   0.167   16.129  1.00 32.79 ? 11  DC  A P     1 
ATOM   204 O OP1   . DC  A 1 11 ? 3.274   0.295   15.573  1.00 15.82 ? 11  DC  A OP1   1 
ATOM   205 O OP2   . DC  A 1 11 ? 1.768   -0.378  17.516  1.00 43.88 ? 11  DC  A OP2   1 
ATOM   206 O "O5'" . DC  A 1 11 ? 1.196   1.589   16.105  1.00 34.06 ? 11  DC  A "O5'" 1 
ATOM   207 C "C5'" . DC  A 1 11 ? 1.434   2.576   15.111  1.00 36.39 ? 11  DC  A "C5'" 1 
ATOM   208 C "C4'" . DC  A 1 11 ? 0.194   3.366   14.755  1.00 32.93 ? 11  DC  A "C4'" 1 
ATOM   209 O "O4'" . DC  A 1 11 ? -0.829  2.459   14.265  1.00 25.63 ? 11  DC  A "O4'" 1 
ATOM   210 C "C3'" . DC  A 1 11 ? -0.492  4.116   15.884  1.00 24.17 ? 11  DC  A "C3'" 1 
ATOM   211 O "O3'" . DC  A 1 11 ? -1.086  5.325   15.433  1.00 27.68 ? 11  DC  A "O3'" 1 
ATOM   212 C "C2'" . DC  A 1 11 ? -1.542  3.143   16.381  1.00 17.72 ? 11  DC  A "C2'" 1 
ATOM   213 C "C1'" . DC  A 1 11 ? -2.023  2.606   15.050  1.00 22.54 ? 11  DC  A "C1'" 1 
ATOM   214 N N1    . DC  A 1 11 ? -2.643  1.280   15.013  1.00 24.04 ? 11  DC  A N1    1 
ATOM   215 C C2    . DC  A 1 11 ? -3.910  1.159   14.434  1.00 17.98 ? 11  DC  A C2    1 
ATOM   216 O O2    . DC  A 1 11 ? -4.411  2.206   13.993  1.00 22.16 ? 11  DC  A O2    1 
ATOM   217 N N3    . DC  A 1 11 ? -4.480  -0.061  14.397  1.00 17.38 ? 11  DC  A N3    1 
ATOM   218 C C4    . DC  A 1 11 ? -3.847  -1.118  14.904  1.00 16.71 ? 11  DC  A C4    1 
ATOM   219 N N4    . DC  A 1 11 ? -4.433  -2.314  14.857  1.00 22.77 ? 11  DC  A N4    1 
ATOM   220 C C5    . DC  A 1 11 ? -2.548  -1.020  15.502  1.00 10.71 ? 11  DC  A C5    1 
ATOM   221 C C6    . DC  A 1 11 ? -2.001  0.194   15.529  1.00 14.54 ? 11  DC  A C6    1 
ATOM   222 P P     . DG  A 1 12 ? -1.062  6.621   16.384  1.00 27.86 ? 12  DG  A P     1 
ATOM   223 O OP1   . DG  A 1 12 ? -0.972  7.848   15.548  1.00 19.09 ? 12  DG  A OP1   1 
ATOM   224 O OP2   . DG  A 1 12 ? -0.070  6.416   17.472  1.00 31.60 ? 12  DG  A OP2   1 
ATOM   225 O "O5'" . DG  A 1 12 ? -2.514  6.600   17.074  1.00 34.24 ? 12  DG  A "O5'" 1 
ATOM   226 C "C5'" . DG  A 1 12 ? -3.651  6.527   16.219  1.00 29.95 ? 12  DG  A "C5'" 1 
ATOM   227 C "C4'" . DG  A 1 12 ? -4.944  6.339   16.968  1.00 26.33 ? 12  DG  A "C4'" 1 
ATOM   228 O "O4'" . DG  A 1 12 ? -5.370  4.972   16.737  1.00 19.68 ? 12  DG  A "O4'" 1 
ATOM   229 C "C3'" . DG  A 1 12 ? -4.915  6.506   18.482  1.00 16.62 ? 12  DG  A "C3'" 1 
ATOM   230 O "O3'" . DG  A 1 12 ? -5.613  7.691   18.868  1.00 21.15 ? 12  DG  A "O3'" 1 
ATOM   231 C "C2'" . DG  A 1 12 ? -5.582  5.285   19.055  1.00 18.61 ? 12  DG  A "C2'" 1 
ATOM   232 C "C1'" . DG  A 1 12 ? -6.040  4.466   17.887  1.00 14.09 ? 12  DG  A "C1'" 1 
ATOM   233 N N9    . DG  A 1 12 ? -5.657  3.048   17.880  1.00 12.41 ? 12  DG  A N9    1 
ATOM   234 C C8    . DG  A 1 12 ? -4.510  2.489   18.379  1.00 20.21 ? 12  DG  A C8    1 
ATOM   235 N N7    . DG  A 1 12 ? -4.463  1.197   18.219  1.00 21.41 ? 12  DG  A N7    1 
ATOM   236 C C5    . DG  A 1 12 ? -5.658  0.895   17.573  1.00 14.75 ? 12  DG  A C5    1 
ATOM   237 C C6    . DG  A 1 12 ? -6.182  -0.341  17.134  1.00 15.58 ? 12  DG  A C6    1 
ATOM   238 O O6    . DG  A 1 12 ? -5.660  -1.459  17.239  1.00 25.47 ? 12  DG  A O6    1 
ATOM   239 N N1    . DG  A 1 12 ? -7.427  -0.203  16.524  1.00 15.20 ? 12  DG  A N1    1 
ATOM   240 C C2    . DG  A 1 12 ? -8.081  0.994   16.363  1.00 13.87 ? 12  DG  A C2    1 
ATOM   241 N N2    . DG  A 1 12 ? -9.274  0.932   15.752  1.00 19.23 ? 12  DG  A N2    1 
ATOM   242 N N3    . DG  A 1 12 ? -7.611  2.158   16.767  1.00 18.98 ? 12  DG  A N3    1 
ATOM   243 C C4    . DG  A 1 12 ? -6.404  2.030   17.358  1.00 15.90 ? 12  DG  A C4    1 
ATOM   244 O "O5'" . DC  B 1 1  ? -14.161 -7.629  15.397  1.00 43.28 ? 13  DC  B "O5'" 1 
ATOM   245 C "C5'" . DC  B 1 1  ? -13.007 -6.916  15.249  1.00 20.13 ? 13  DC  B "C5'" 1 
ATOM   246 C "C4'" . DC  B 1 1  ? -13.428 -5.496  14.943  1.00 35.68 ? 13  DC  B "C4'" 1 
ATOM   247 O "O4'" . DC  B 1 1  ? -12.515 -4.560  15.570  1.00 30.90 ? 13  DC  B "O4'" 1 
ATOM   248 C "C3'" . DC  B 1 1  ? -13.430 -5.130  13.461  1.00 40.51 ? 13  DC  B "C3'" 1 
ATOM   249 O "O3'" . DC  B 1 1  ? -14.444 -4.187  13.131  1.00 48.40 ? 13  DC  B "O3'" 1 
ATOM   250 C "C2'" . DC  B 1 1  ? -12.039 -4.573  13.265  1.00 39.40 ? 13  DC  B "C2'" 1 
ATOM   251 C "C1'" . DC  B 1 1  ? -11.751 -3.878  14.588  1.00 37.10 ? 13  DC  B "C1'" 1 
ATOM   252 N N1    . DC  B 1 1  ? -10.338 -3.926  15.000  1.00 35.84 ? 13  DC  B N1    1 
ATOM   253 C C2    . DC  B 1 1  ? -9.662  -2.731  15.276  1.00 23.43 ? 13  DC  B C2    1 
ATOM   254 O O2    . DC  B 1 1  ? -10.254 -1.653  15.170  1.00 21.45 ? 13  DC  B O2    1 
ATOM   255 N N3    . DC  B 1 1  ? -8.367  -2.772  15.654  1.00 26.42 ? 13  DC  B N3    1 
ATOM   256 C C4    . DC  B 1 1  ? -7.724  -3.932  15.768  1.00 24.09 ? 13  DC  B C4    1 
ATOM   257 N N4    . DC  B 1 1  ? -6.441  -3.881  16.149  1.00 19.28 ? 13  DC  B N4    1 
ATOM   258 C C5    . DC  B 1 1  ? -8.382  -5.164  15.495  1.00 32.38 ? 13  DC  B C5    1 
ATOM   259 C C6    . DC  B 1 1  ? -9.669  -5.117  15.120  1.00 36.73 ? 13  DC  B C6    1 
ATOM   260 P P     . DG  B 1 2  ? -15.021 -4.104  11.622  1.00 43.48 ? 14  DG  B P     1 
ATOM   261 O OP1   . DG  B 1 2  ? -16.502 -4.227  11.656  1.00 50.40 ? 14  DG  B OP1   1 
ATOM   262 O OP2   . DG  B 1 2  ? -14.229 -5.031  10.770  1.00 45.34 ? 14  DG  B OP2   1 
ATOM   263 O "O5'" . DG  B 1 2  ? -14.673 -2.620  11.158  1.00 28.77 ? 14  DG  B "O5'" 1 
ATOM   264 C "C5'" . DG  B 1 2  ? -15.023 -1.477  11.940  1.00 22.38 ? 14  DG  B "C5'" 1 
ATOM   265 C "C4'" . DG  B 1 2  ? -14.081 -0.343  11.597  1.00 18.07 ? 14  DG  B "C4'" 1 
ATOM   266 O "O4'" . DG  B 1 2  ? -12.790 -0.565  12.216  1.00 19.17 ? 14  DG  B "O4'" 1 
ATOM   267 C "C3'" . DG  B 1 2  ? -13.818 -0.167  10.099  1.00 13.51 ? 14  DG  B "C3'" 1 
ATOM   268 O "O3'" . DG  B 1 2  ? -14.239 1.124   9.726   1.00 15.70 ? 14  DG  B "O3'" 1 
ATOM   269 C "C2'" . DG  B 1 2  ? -12.333 -0.380  9.920   1.00 22.41 ? 14  DG  B "C2'" 1 
ATOM   270 C "C1'" . DG  B 1 2  ? -11.755 -0.184  11.312  1.00 20.05 ? 14  DG  B "C1'" 1 
ATOM   271 N N9    . DG  B 1 2  ? -10.585 -1.009  11.595  1.00 16.45 ? 14  DG  B N9    1 
ATOM   272 C C8    . DG  B 1 2  ? -10.500 -2.361  11.366  1.00 13.33 ? 14  DG  B C8    1 
ATOM   273 N N7    . DG  B 1 2  ? -9.352  -2.873  11.702  1.00 16.60 ? 14  DG  B N7    1 
ATOM   274 C C5    . DG  B 1 2  ? -8.632  -1.788  12.183  1.00 10.37 ? 14  DG  B C5    1 
ATOM   275 C C6    . DG  B 1 2  ? -7.311  -1.756  12.688  1.00 13.99 ? 14  DG  B C6    1 
ATOM   276 O O6    . DG  B 1 2  ? -6.539  -2.723  12.795  1.00 18.85 ? 14  DG  B O6    1 
ATOM   277 N N1    . DG  B 1 2  ? -6.941  -0.476  13.076  1.00 19.77 ? 14  DG  B N1    1 
ATOM   278 C C2    . DG  B 1 2  ? -7.752  0.625   12.981  1.00 18.44 ? 14  DG  B C2    1 
ATOM   279 N N2    . DG  B 1 2  ? -7.245  1.792   13.398  1.00 8.83  ? 14  DG  B N2    1 
ATOM   280 N N3    . DG  B 1 2  ? -8.990  0.600   12.509  1.00 19.78 ? 14  DG  B N3    1 
ATOM   281 C C4    . DG  B 1 2  ? -9.374  -0.634  12.124  1.00 23.41 ? 14  DG  B C4    1 
ATOM   282 P P     . DC  B 1 3  ? -14.197 1.799   8.294   1.00 22.69 ? 15  DC  B P     1 
ATOM   283 O OP1   . DC  B 1 3  ? -15.295 2.796   8.173   1.00 16.55 ? 15  DC  B OP1   1 
ATOM   284 O OP2   . DC  B 1 3  ? -13.985 0.755   7.247   1.00 25.06 ? 15  DC  B OP2   1 
ATOM   285 O "O5'" . DC  B 1 3  ? -12.864 2.680   8.302   1.00 20.14 ? 15  DC  B "O5'" 1 
ATOM   286 C "C5'" . DC  B 1 3  ? -12.665 3.707   9.278   1.00 19.27 ? 15  DC  B "C5'" 1 
ATOM   287 C "C4'" . DC  B 1 3  ? -11.166 3.915   9.363   1.00 16.98 ? 15  DC  B "C4'" 1 
ATOM   288 O "O4'" . DC  B 1 3  ? -10.509 2.684   9.736   1.00 14.69 ? 15  DC  B "O4'" 1 
ATOM   289 C "C3'" . DC  B 1 3  ? -10.498 4.310   8.063   1.00 14.82 ? 15  DC  B "C3'" 1 
ATOM   290 O "O3'" . DC  B 1 3  ? -10.427 5.720   7.892   1.00 19.75 ? 15  DC  B "O3'" 1 
ATOM   291 C "C2'" . DC  B 1 3  ? -9.098  3.757   8.157   1.00 24.46 ? 15  DC  B "C2'" 1 
ATOM   292 C "C1'" . DC  B 1 3  ? -9.137  2.790   9.316   1.00 16.26 ? 15  DC  B "C1'" 1 
ATOM   293 N N1    . DC  B 1 3  ? -8.689  1.438   8.985   1.00 11.75 ? 15  DC  B N1    1 
ATOM   294 C C2    . DC  B 1 3  ? -7.475  0.965   9.503   1.00 14.37 ? 15  DC  B C2    1 
ATOM   295 O O2    . DC  B 1 3  ? -6.817  1.704   10.229  1.00 15.52 ? 15  DC  B O2    1 
ATOM   296 N N3    . DC  B 1 3  ? -7.057  -0.282  9.199   1.00 17.09 ? 15  DC  B N3    1 
ATOM   297 C C4    . DC  B 1 3  ? -7.784  -1.069  8.412   1.00 27.25 ? 15  DC  B C4    1 
ATOM   298 N N4    . DC  B 1 3  ? -7.323  -2.294  8.143   1.00 17.93 ? 15  DC  B N4    1 
ATOM   299 C C5    . DC  B 1 3  ? -9.021  -0.619  7.865   1.00 23.67 ? 15  DC  B C5    1 
ATOM   300 C C6    . DC  B 1 3  ? -9.427  0.618   8.172   1.00 16.00 ? 15  DC  B C6    1 
ATOM   301 P P     . DG  B 1 4  ? -10.044 6.243   6.414   1.00 26.70 ? 16  DG  B P     1 
ATOM   302 O OP1   . DG  B 1 4  ? -10.883 7.440   6.142   1.00 30.68 ? 16  DG  B OP1   1 
ATOM   303 O OP2   . DG  B 1 4  ? -10.119 5.093   5.460   1.00 26.12 ? 16  DG  B OP2   1 
ATOM   304 O "O5'" . DG  B 1 4  ? -8.525  6.685   6.538   1.00 22.79 ? 16  DG  B "O5'" 1 
ATOM   305 C "C5'" . DG  B 1 4  ? -8.069  7.360   7.714   1.00 29.51 ? 16  DG  B "C5'" 1 
ATOM   306 C "C4'" . DG  B 1 4  ? -6.563  7.349   7.777   1.00 30.06 ? 16  DG  B "C4'" 1 
ATOM   307 O "O4'" . DG  B 1 4  ? -6.061  6.009   7.997   1.00 25.12 ? 16  DG  B "O4'" 1 
ATOM   308 C "C3'" . DG  B 1 4  ? -5.889  7.840   6.493   1.00 24.36 ? 16  DG  B "C3'" 1 
ATOM   309 O "O3'" . DG  B 1 4  ? -4.729  8.572   6.823   1.00 23.24 ? 16  DG  B "O3'" 1 
ATOM   310 C "C2'" . DG  B 1 4  ? -5.640  6.552   5.746   1.00 27.18 ? 16  DG  B "C2'" 1 
ATOM   311 C "C1'" . DG  B 1 4  ? -5.332  5.562   6.865   1.00 19.06 ? 16  DG  B "C1'" 1 
ATOM   312 N N9    . DG  B 1 4  ? -5.730  4.195   6.522   1.00 13.46 ? 16  DG  B N9    1 
ATOM   313 C C8    . DG  B 1 4  ? -6.801  3.763   5.784   1.00 9.45  ? 16  DG  B C8    1 
ATOM   314 N N7    . DG  B 1 4  ? -6.854  2.467   5.672   1.00 12.95 ? 16  DG  B N7    1 
ATOM   315 C C5    . DG  B 1 4  ? -5.756  2.000   6.374   1.00 14.75 ? 16  DG  B C5    1 
ATOM   316 C C6    . DG  B 1 4  ? -5.273  0.695   6.618   1.00 11.60 ? 16  DG  B C6    1 
ATOM   317 O O6    . DG  B 1 4  ? -5.696  -0.420  6.271   1.00 21.02 ? 16  DG  B O6    1 
ATOM   318 N N1    . DG  B 1 4  ? -4.105  0.698   7.394   1.00 13.31 ? 16  DG  B N1    1 
ATOM   319 C C2    . DG  B 1 4  ? -3.490  1.828   7.869   1.00 17.53 ? 16  DG  B C2    1 
ATOM   320 N N2    . DG  B 1 4  ? -2.381  1.642   8.595   1.00 16.67 ? 16  DG  B N2    1 
ATOM   321 N N3    . DG  B 1 4  ? -3.928  3.054   7.650   1.00 28.90 ? 16  DG  B N3    1 
ATOM   322 C C4    . DG  B 1 4  ? -5.054  3.063   6.903   1.00 24.22 ? 16  DG  B C4    1 
ATOM   323 P P     . DA  B 1 5  ? -3.425  8.721   5.904   1.00 30.69 ? 17  DA  B P     1 
ATOM   324 O OP1   . DA  B 1 5  ? -2.703  9.994   6.237   1.00 19.89 ? 17  DA  B OP1   1 
ATOM   325 O OP2   . DA  B 1 5  ? -3.768  8.449   4.479   1.00 28.37 ? 17  DA  B OP2   1 
ATOM   326 O "O5'" . DA  B 1 5  ? -2.490  7.533   6.394   1.00 23.45 ? 17  DA  B "O5'" 1 
ATOM   327 C "C5'" . DA  B 1 5  ? -2.129  7.432   7.766   1.00 22.41 ? 17  DA  B "C5'" 1 
ATOM   328 C "C4'" . DA  B 1 5  ? -0.866  6.620   7.883   1.00 20.17 ? 17  DA  B "C4'" 1 
ATOM   329 O "O4'" . DA  B 1 5  ? -1.154  5.250   7.537   1.00 18.79 ? 17  DA  B "O4'" 1 
ATOM   330 C "C3'" . DA  B 1 5  ? 0.275   7.048   6.959   1.00 25.35 ? 17  DA  B "C3'" 1 
ATOM   331 O "O3'" . DA  B 1 5  ? 1.495   6.929   7.678   1.00 28.72 ? 17  DA  B "O3'" 1 
ATOM   332 C "C2'" . DA  B 1 5  ? 0.153   6.128   5.775   1.00 29.59 ? 17  DA  B "C2'" 1 
ATOM   333 C "C1'" . DA  B 1 5  ? -0.483  4.875   6.344   1.00 30.72 ? 17  DA  B "C1'" 1 
ATOM   334 N N9    . DA  B 1 5  ? -1.517  4.256   5.504   1.00 20.82 ? 17  DA  B N9    1 
ATOM   335 C C8    . DA  B 1 5  ? -2.510  4.852   4.771   1.00 21.03 ? 17  DA  B C8    1 
ATOM   336 N N7    . DA  B 1 5  ? -3.268  3.991   4.129   1.00 19.10 ? 17  DA  B N7    1 
ATOM   337 C C5    . DA  B 1 5  ? -2.738  2.758   4.464   1.00 18.55 ? 17  DA  B C5    1 
ATOM   338 C C6    . DA  B 1 5  ? -3.086  1.440   4.112   1.00 17.55 ? 17  DA  B C6    1 
ATOM   339 N N6    . DA  B 1 5  ? -4.105  1.140   3.303   1.00 13.09 ? 17  DA  B N6    1 
ATOM   340 N N1    . DA  B 1 5  ? -2.335  0.455   4.629   1.00 18.05 ? 17  DA  B N1    1 
ATOM   341 C C2    . DA  B 1 5  ? -1.311  0.737   5.443   1.00 20.70 ? 17  DA  B C2    1 
ATOM   342 N N3    . DA  B 1 5  ? -0.887  1.941   5.846   1.00 15.10 ? 17  DA  B N3    1 
ATOM   343 C C4    . DA  B 1 5  ? -1.654  2.903   5.314   1.00 14.54 ? 17  DA  B C4    1 
ATOM   344 P P     . DA  B 1 6  ? 2.939   6.957   6.976   1.00 33.78 ? 18  DA  B P     1 
ATOM   345 O OP1   . DA  B 1 6  ? 3.985   7.159   8.011   1.00 46.60 ? 18  DA  B OP1   1 
ATOM   346 O OP2   . DA  B 1 6  ? 2.901   7.852   5.786   1.00 29.66 ? 18  DA  B OP2   1 
ATOM   347 O "O5'" . DA  B 1 6  ? 3.104   5.452   6.428   1.00 25.59 ? 18  DA  B "O5'" 1 
ATOM   348 C "C5'" . DA  B 1 6  ? 3.559   4.409   7.295   1.00 14.81 ? 18  DA  B "C5'" 1 
ATOM   349 C "C4'" . DA  B 1 6  ? 3.807   3.126   6.525   1.00 20.01 ? 18  DA  B "C4'" 1 
ATOM   350 O "O4'" . DA  B 1 6  ? 2.620   2.719   5.802   1.00 22.33 ? 18  DA  B "O4'" 1 
ATOM   351 C "C3'" . DA  B 1 6  ? 4.926   3.226   5.484   1.00 25.36 ? 18  DA  B "C3'" 1 
ATOM   352 O "O3'" . DA  B 1 6  ? 5.912   2.249   5.796   1.00 26.39 ? 18  DA  B "O3'" 1 
ATOM   353 C "C2'" . DA  B 1 6  ? 4.245   3.018   4.157   1.00 30.49 ? 18  DA  B "C2'" 1 
ATOM   354 C "C1'" . DA  B 1 6  ? 2.983   2.242   4.509   1.00 30.26 ? 18  DA  B "C1'" 1 
ATOM   355 N N9    . DA  B 1 6  ? 1.838   2.450   3.622   1.00 24.27 ? 18  DA  B N9    1 
ATOM   356 C C8    . DA  B 1 6  ? 1.291   3.649   3.237   1.00 22.36 ? 18  DA  B C8    1 
ATOM   357 N N7    . DA  B 1 6  ? 0.260   3.537   2.428   1.00 15.03 ? 18  DA  B N7    1 
ATOM   358 C C5    . DA  B 1 6  ? 0.106   2.175   2.257   1.00 13.50 ? 18  DA  B C5    1 
ATOM   359 C C6    . DA  B 1 6  ? -0.799  1.400   1.520   1.00 9.67  ? 18  DA  B C6    1 
ATOM   360 N N6    . DA  B 1 6  ? -1.791  1.879   0.763   1.00 16.22 ? 18  DA  B N6    1 
ATOM   361 N N1    . DA  B 1 6  ? -0.666  0.060   1.575   1.00 8.60  ? 18  DA  B N1    1 
ATOM   362 C C2    . DA  B 1 6  ? 0.305   -0.473  2.315   1.00 14.88 ? 18  DA  B C2    1 
ATOM   363 N N3    . DA  B 1 6  ? 1.220   0.157   3.054   1.00 22.53 ? 18  DA  B N3    1 
ATOM   364 C C4    . DA  B 1 6  ? 1.072   1.491   2.987   1.00 23.56 ? 18  DA  B C4    1 
ATOM   365 P P     . DT  B 1 7  ? 7.290   2.154   4.957   1.00 30.18 ? 19  DT  B P     1 
ATOM   366 O OP1   . DT  B 1 7  ? 8.348   1.682   5.883   1.00 35.37 ? 19  DT  B OP1   1 
ATOM   367 O OP2   . DT  B 1 7  ? 7.447   3.374   4.135   1.00 22.79 ? 19  DT  B OP2   1 
ATOM   368 O "O5'" . DT  B 1 7  ? 6.986   0.955   3.933   1.00 25.03 ? 19  DT  B "O5'" 1 
ATOM   369 C "C5'" . DT  B 1 7  ? 6.403   -0.245  4.441   1.00 25.98 ? 19  DT  B "C5'" 1 
ATOM   370 C "C4'" . DT  B 1 7  ? 5.873   -1.100  3.317   1.00 20.85 ? 19  DT  B "C4'" 1 
ATOM   371 O "O4'" . DT  B 1 7  ? 4.693   -0.502  2.730   1.00 19.44 ? 19  DT  B "O4'" 1 
ATOM   372 C "C3'" . DT  B 1 7  ? 6.853   -1.299  2.155   1.00 15.59 ? 19  DT  B "C3'" 1 
ATOM   373 O "O3'" . DT  B 1 7  ? 7.208   -2.670  2.122   1.00 19.08 ? 19  DT  B "O3'" 1 
ATOM   374 C "C2'" . DT  B 1 7  ? 6.126   -0.824  0.922   1.00 21.10 ? 19  DT  B "C2'" 1 
ATOM   375 C "C1'" . DT  B 1 7  ? 4.671   -0.872  1.342   1.00 22.08 ? 19  DT  B "C1'" 1 
ATOM   376 N N1    . DT  B 1 7  ? 3.720   0.061   0.711   1.00 21.54 ? 19  DT  B N1    1 
ATOM   377 C C2    . DT  B 1 7  ? 2.660   -0.447  0.008   1.00 15.87 ? 19  DT  B C2    1 
ATOM   378 O O2    . DT  B 1 7  ? 2.485   -1.646  -0.114  1.00 18.84 ? 19  DT  B O2    1 
ATOM   379 N N3    . DT  B 1 7  ? 1.822   0.491   -0.547  1.00 14.36 ? 19  DT  B N3    1 
ATOM   380 C C4    . DT  B 1 7  ? 1.948   1.860   -0.462  1.00 14.36 ? 19  DT  B C4    1 
ATOM   381 O O4    . DT  B 1 7  ? 1.123   2.576   -1.006  1.00 17.45 ? 19  DT  B O4    1 
ATOM   382 C C5    . DT  B 1 7  ? 3.089   2.328   0.299   1.00 23.90 ? 19  DT  B C5    1 
ATOM   383 C C7    . DT  B 1 7  ? 3.329   3.789   0.463   1.00 29.32 ? 19  DT  B C7    1 
ATOM   384 C C6    . DT  B 1 7  ? 3.909   1.415   0.840   1.00 14.84 ? 19  DT  B C6    1 
ATOM   385 P P     . DT  B 1 8  ? 8.378   -3.193  1.139   1.00 21.00 ? 20  DT  B P     1 
ATOM   386 O OP1   . DT  B 1 8  ? 9.157   -4.248  1.821   1.00 20.78 ? 20  DT  B OP1   1 
ATOM   387 O OP2   . DT  B 1 8  ? 9.098   -1.987  0.637   1.00 21.41 ? 20  DT  B OP2   1 
ATOM   388 O "O5'" . DT  B 1 8  ? 7.514   -3.818  -0.057  1.00 20.22 ? 20  DT  B "O5'" 1 
ATOM   389 C "C5'" . DT  B 1 8  ? 6.408   -4.667  0.207   1.00 15.40 ? 20  DT  B "C5'" 1 
ATOM   390 C "C4'" . DT  B 1 8  ? 5.522   -4.793  -1.003  1.00 19.51 ? 20  DT  B "C4'" 1 
ATOM   391 O "O4'" . DT  B 1 8  ? 4.785   -3.580  -1.251  1.00 17.63 ? 20  DT  B "O4'" 1 
ATOM   392 C "C3'" . DT  B 1 8  ? 6.312   -5.084  -2.293  1.00 19.40 ? 20  DT  B "C3'" 1 
ATOM   393 O "O3'" . DT  B 1 8  ? 5.925   -6.366  -2.783  1.00 26.57 ? 20  DT  B "O3'" 1 
ATOM   394 C "C2'" . DT  B 1 8  ? 5.988   -3.929  -3.211  1.00 17.66 ? 20  DT  B "C2'" 1 
ATOM   395 C "C1'" . DT  B 1 8  ? 4.671   -3.423  -2.674  1.00 12.29 ? 20  DT  B "C1'" 1 
ATOM   396 N N1    . DT  B 1 8  ? 4.345   -2.010  -2.912  1.00 18.50 ? 20  DT  B N1    1 
ATOM   397 C C2    . DT  B 1 8  ? 3.233   -1.707  -3.666  1.00 19.04 ? 20  DT  B C2    1 
ATOM   398 O O2    . DT  B 1 8  ? 2.522   -2.589  -4.135  1.00 14.92 ? 20  DT  B O2    1 
ATOM   399 N N3    . DT  B 1 8  ? 3.013   -0.364  -3.835  1.00 11.08 ? 20  DT  B N3    1 
ATOM   400 C C4    . DT  B 1 8  ? 3.762   0.681   -3.338  1.00 8.64  ? 20  DT  B C4    1 
ATOM   401 O O4    . DT  B 1 8  ? 3.483   1.849   -3.542  1.00 15.73 ? 20  DT  B O4    1 
ATOM   402 C C5    . DT  B 1 8  ? 4.920   0.288   -2.553  1.00 22.77 ? 20  DT  B C5    1 
ATOM   403 C C7    . DT  B 1 8  ? 5.796   1.350   -1.974  1.00 41.54 ? 20  DT  B C7    1 
ATOM   404 C C6    . DT  B 1 8  ? 5.144   -1.018  -2.385  1.00 22.22 ? 20  DT  B C6    1 
ATOM   405 P P     . DC  B 1 9  ? 6.752   -7.082  -3.966  1.00 31.06 ? 21  DC  B P     1 
ATOM   406 O OP1   . DC  B 1 9  ? 6.808   -8.543  -3.732  1.00 32.40 ? 21  DC  B OP1   1 
ATOM   407 O OP2   . DC  B 1 9  ? 8.025   -6.332  -4.206  1.00 51.66 ? 21  DC  B OP2   1 
ATOM   408 O "O5'" . DC  B 1 9  ? 5.860   -6.818  -5.273  1.00 28.88 ? 21  DC  B "O5'" 1 
ATOM   409 C "C5'" . DC  B 1 9  ? 4.441   -6.911  -5.208  1.00 19.05 ? 21  DC  B "C5'" 1 
ATOM   410 C "C4'" . DC  B 1 9  ? 3.796   -6.312  -6.436  1.00 14.81 ? 21  DC  B "C4'" 1 
ATOM   411 O "O4'" . DC  B 1 9  ? 3.681   -4.878  -6.321  1.00 8.41  ? 21  DC  B "O4'" 1 
ATOM   412 C "C3'" . DC  B 1 9  ? 4.582   -6.572  -7.731  1.00 19.93 ? 21  DC  B "C3'" 1 
ATOM   413 O "O3'" . DC  B 1 9  ? 3.840   -7.447  -8.573  1.00 19.69 ? 21  DC  B "O3'" 1 
ATOM   414 C "C2'" . DC  B 1 9  ? 4.804   -5.211  -8.340  1.00 12.10 ? 21  DC  B "C2'" 1 
ATOM   415 C "C1'" . DC  B 1 9  ? 3.833   -4.307  -7.643  1.00 10.22 ? 21  DC  B "C1'" 1 
ATOM   416 N N1    . DC  B 1 9  ? 4.200   -2.927  -7.314  1.00 18.11 ? 21  DC  B N1    1 
ATOM   417 C C2    . DC  B 1 9  ? 3.336   -1.877  -7.624  1.00 10.75 ? 21  DC  B C2    1 
ATOM   418 O O2    . DC  B 1 9  ? 2.256   -2.104  -8.182  1.00 17.49 ? 21  DC  B O2    1 
ATOM   419 N N3    . DC  B 1 9  ? 3.694   -0.611  -7.304  1.00 14.00 ? 21  DC  B N3    1 
ATOM   420 C C4    . DC  B 1 9  ? 4.876   -0.406  -6.699  1.00 10.17 ? 21  DC  B C4    1 
ATOM   421 N N4    . DC  B 1 9  ? 5.213   0.846   -6.395  1.00 10.99 ? 21  DC  B N4    1 
ATOM   422 C C5    . DC  B 1 9  ? 5.764   -1.464  -6.375  1.00 12.62 ? 21  DC  B C5    1 
ATOM   423 C C6    . DC  B 1 9  ? 5.408   -2.705  -6.689  1.00 13.64 ? 21  DC  B C6    1 
ATOM   424 P P     . DG  B 1 10 ? 4.503   -8.198  -9.837  1.00 23.49 ? 22  DG  B P     1 
ATOM   425 O OP1   . DG  B 1 10 ? 3.710   -9.439  -10.089 1.00 34.53 ? 22  DG  B OP1   1 
ATOM   426 O OP2   . DG  B 1 10 ? 5.973   -8.294  -9.629  1.00 31.61 ? 22  DG  B OP2   1 
ATOM   427 O "O5'" . DG  B 1 10 ? 4.255   -7.209  -11.064 1.00 22.30 ? 22  DG  B "O5'" 1 
ATOM   428 C "C5'" . DG  B 1 10 ? 2.977   -6.687  -11.386 1.00 16.59 ? 22  DG  B "C5'" 1 
ATOM   429 C "C4'" . DG  B 1 10 ? 3.066   -5.568  -12.397 1.00 21.09 ? 22  DG  B "C4'" 1 
ATOM   430 O "O4'" . DG  B 1 10 ? 3.459   -4.324  -11.746 1.00 18.87 ? 22  DG  B "O4'" 1 
ATOM   431 C "C3'" . DG  B 1 10 ? 4.097   -5.725  -13.502 1.00 18.44 ? 22  DG  B "C3'" 1 
ATOM   432 O "O3'" . DG  B 1 10 ? 3.572   -5.237  -14.721 1.00 18.09 ? 22  DG  B "O3'" 1 
ATOM   433 C "C2'" . DG  B 1 10 ? 5.295   -4.920  -13.033 1.00 20.89 ? 22  DG  B "C2'" 1 
ATOM   434 C "C1'" . DG  B 1 10 ? 4.545   -3.728  -12.469 1.00 18.83 ? 22  DG  B "C1'" 1 
ATOM   435 N N9    . DG  B 1 10 ? 5.257   -2.872  -11.524 1.00 18.83 ? 22  DG  B N9    1 
ATOM   436 C C8    . DG  B 1 10 ? 6.318   -3.139  -10.698 1.00 14.43 ? 22  DG  B C8    1 
ATOM   437 N N7    . DG  B 1 10 ? 6.684   -2.100  -9.985  1.00 13.91 ? 22  DG  B N7    1 
ATOM   438 C C5    . DG  B 1 10 ? 5.803   -1.094  -10.375 1.00 20.06 ? 22  DG  B C5    1 
ATOM   439 C C6    . DG  B 1 10 ? 5.686   0.257   -9.966  1.00 18.55 ? 22  DG  B C6    1 
ATOM   440 O O6    . DG  B 1 10 ? 6.379   0.851   -9.136  1.00 13.94 ? 22  DG  B O6    1 
ATOM   441 N N1    . DG  B 1 10 ? 4.646   0.920   -10.625 1.00 12.71 ? 22  DG  B N1    1 
ATOM   442 C C2    . DG  B 1 10 ? 3.817   0.353   -11.562 1.00 17.17 ? 22  DG  B C2    1 
ATOM   443 N N2    . DG  B 1 10 ? 2.879   1.157   -12.078 1.00 18.42 ? 22  DG  B N2    1 
ATOM   444 N N3    . DG  B 1 10 ? 3.906   -0.907  -11.961 1.00 18.61 ? 22  DG  B N3    1 
ATOM   445 C C4    . DG  B 1 10 ? 4.915   -1.554  -11.324 1.00 21.57 ? 22  DG  B C4    1 
ATOM   446 P P     . DC  B 1 11 ? 3.990   -5.920  -16.126 1.00 27.72 ? 23  DC  B P     1 
ATOM   447 O OP1   . DC  B 1 11 ? 3.382   -7.255  -16.281 1.00 28.71 ? 23  DC  B OP1   1 
ATOM   448 O OP2   . DC  B 1 11 ? 5.455   -5.738  -16.340 1.00 30.43 ? 23  DC  B OP2   1 
ATOM   449 O "O5'" . DC  B 1 11 ? 3.217   -4.944  -17.147 1.00 32.23 ? 23  DC  B "O5'" 1 
ATOM   450 C "C5'" . DC  B 1 11 ? 1.889   -4.515  -16.796 1.00 30.69 ? 23  DC  B "C5'" 1 
ATOM   451 C "C4'" . DC  B 1 11 ? 1.793   -3.043  -17.132 1.00 25.26 ? 23  DC  B "C4'" 1 
ATOM   452 O "O4'" . DC  B 1 11 ? 2.298   -2.246  -16.040 1.00 21.99 ? 23  DC  B "O4'" 1 
ATOM   453 C "C3'" . DC  B 1 11 ? 2.592   -2.702  -18.380 1.00 28.46 ? 23  DC  B "C3'" 1 
ATOM   454 O "O3'" . DC  B 1 11 ? 1.840   -2.106  -19.436 1.00 27.01 ? 23  DC  B "O3'" 1 
ATOM   455 C "C2'" . DC  B 1 11 ? 3.597   -1.685  -17.920 1.00 34.85 ? 23  DC  B "C2'" 1 
ATOM   456 C "C1'" . DC  B 1 11 ? 3.123   -1.226  -16.553 1.00 34.65 ? 23  DC  B "C1'" 1 
ATOM   457 N N1    . DC  B 1 11 ? 4.306   -0.997  -15.711 1.00 16.73 ? 23  DC  B N1    1 
ATOM   458 C C2    . DC  B 1 11 ? 4.571   0.230   -15.114 1.00 14.82 ? 23  DC  B C2    1 
ATOM   459 O O2    . DC  B 1 11 ? 3.811   1.188   -15.266 1.00 14.38 ? 23  DC  B O2    1 
ATOM   460 N N3    . DC  B 1 11 ? 5.689   0.337   -14.361 1.00 15.31 ? 23  DC  B N3    1 
ATOM   461 C C4    . DC  B 1 11 ? 6.494   -0.716  -14.213 1.00 13.25 ? 23  DC  B C4    1 
ATOM   462 N N4    . DC  B 1 11 ? 7.591   -0.576  -13.461 1.00 12.17 ? 23  DC  B N4    1 
ATOM   463 C C5    . DC  B 1 11 ? 6.246   -1.982  -14.818 1.00 13.84 ? 23  DC  B C5    1 
ATOM   464 C C6    . DC  B 1 11 ? 5.140   -2.070  -15.556 1.00 13.91 ? 23  DC  B C6    1 
ATOM   465 P P     . DG  B 1 12 ? 2.671   -1.796  -20.805 1.00 22.86 ? 24  DG  B P     1 
ATOM   466 O OP1   . DG  B 1 12 ? 1.770   -2.177  -21.926 1.00 26.07 ? 24  DG  B OP1   1 
ATOM   467 O OP2   . DG  B 1 12 ? 4.034   -2.388  -20.753 1.00 19.98 ? 24  DG  B OP2   1 
ATOM   468 O "O5'" . DG  B 1 12 ? 2.850   -0.214  -20.766 1.00 15.46 ? 24  DG  B "O5'" 1 
ATOM   469 C "C5'" . DG  B 1 12 ? 1.708   0.642   -20.740 1.00 20.46 ? 24  DG  B "C5'" 1 
ATOM   470 C "C4'" . DG  B 1 12 ? 2.117   2.064   -20.439 1.00 17.09 ? 24  DG  B "C4'" 1 
ATOM   471 O "O4'" . DG  B 1 12 ? 2.737   2.142   -19.138 1.00 16.54 ? 24  DG  B "O4'" 1 
ATOM   472 C "C3'" . DG  B 1 12 ? 3.140   2.639   -21.397 1.00 11.45 ? 24  DG  B "C3'" 1 
ATOM   473 O "O3'" . DG  B 1 12 ? 2.536   3.391   -22.429 1.00 13.19 ? 24  DG  B "O3'" 1 
ATOM   474 C "C2'" . DG  B 1 12 ? 4.001   3.558   -20.558 1.00 22.29 ? 24  DG  B "C2'" 1 
ATOM   475 C "C1'" . DG  B 1 12 ? 3.845   3.053   -19.143 1.00 12.30 ? 24  DG  B "C1'" 1 
ATOM   476 N N9    . DG  B 1 12 ? 4.957   2.270   -18.610 1.00 13.05 ? 24  DG  B N9    1 
ATOM   477 C C8    . DG  B 1 12 ? 5.281   0.971   -18.848 1.00 13.40 ? 24  DG  B C8    1 
ATOM   478 N N7    . DG  B 1 12 ? 6.343   0.537   -18.223 1.00 18.97 ? 24  DG  B N7    1 
ATOM   479 C C5    . DG  B 1 12 ? 6.752   1.655   -17.511 1.00 13.83 ? 24  DG  B C5    1 
ATOM   480 C C6    . DG  B 1 12 ? 7.859   1.825   -16.631 1.00 15.65 ? 24  DG  B C6    1 
ATOM   481 O O6    . DG  B 1 12 ? 8.701   0.983   -16.320 1.00 16.02 ? 24  DG  B O6    1 
ATOM   482 N N1    . DG  B 1 12 ? 7.897   3.114   -16.130 1.00 13.62 ? 24  DG  B N1    1 
ATOM   483 C C2    . DG  B 1 12 ? 7.019   4.122   -16.408 1.00 9.16  ? 24  DG  B C2    1 
ATOM   484 N N2    . DG  B 1 12 ? 7.238   5.307   -15.812 1.00 13.28 ? 24  DG  B N2    1 
ATOM   485 N N3    . DG  B 1 12 ? 5.982   3.972   -17.229 1.00 11.22 ? 24  DG  B N3    1 
ATOM   486 C C4    . DG  B 1 12 ? 5.921   2.730   -17.730 1.00 11.26 ? 24  DG  B C4    1 
HETATM 487 O OA    . E96 C 2 .  ? 3.340   1.051   8.941   1.00 43.73 ? 25  E96 A OA    1 
HETATM 488 C C1A   . E96 C 2 .  ? 3.356   0.120   7.951   1.00 51.49 ? 25  E96 A C1A   1 
HETATM 489 C C2A   . E96 C 2 .  ? 4.426   -0.780  7.818   1.00 50.15 ? 25  E96 A C2A   1 
HETATM 490 C C3A   . E96 C 2 .  ? 4.424   -1.710  6.771   1.00 45.79 ? 25  E96 A C3A   1 
HETATM 491 C C4A   . E96 C 2 .  ? 2.304   0.055   7.027   1.00 52.57 ? 25  E96 A C4A   1 
HETATM 492 C C5A   . E96 C 2 .  ? 2.302   -0.889  5.992   1.00 51.26 ? 25  E96 A C5A   1 
HETATM 493 C C6A   . E96 C 2 .  ? 3.396   -1.756  5.807   1.00 46.04 ? 25  E96 A C6A   1 
HETATM 494 C C1B   . E96 C 2 .  ? 3.411   -2.747  4.757   1.00 36.89 ? 25  E96 A C1B   1 
HETATM 495 N N2B   . E96 C 2 .  ? 2.752   -2.651  3.567   1.00 31.65 ? 25  E96 A N2B   1 
HETATM 496 N N3B   . E96 C 2 .  ? 4.099   -3.901  4.838   1.00 36.96 ? 25  E96 A N3B   1 
HETATM 497 C C4B   . E96 C 2 .  ? 3.832   -4.580  3.668   1.00 29.22 ? 25  E96 A C4B   1 
HETATM 498 C C5B   . E96 C 2 .  ? 3.060   -3.804  2.867   1.00 19.64 ? 25  E96 A C5B   1 
HETATM 499 C C6B   . E96 C 2 .  ? 2.659   -4.228  1.593   1.00 22.44 ? 25  E96 A C6B   1 
HETATM 500 C C7B   . E96 C 2 .  ? 4.364   -5.790  3.202   1.00 37.95 ? 25  E96 A C7B   1 
HETATM 501 C C8B   . E96 C 2 .  ? 3.935   -6.289  1.963   1.00 31.17 ? 25  E96 A C8B   1 
HETATM 502 C C9B   . E96 C 2 .  ? 3.064   -5.513  1.159   1.00 27.82 ? 25  E96 A C9B   1 
HETATM 503 C C9C   . E96 C 2 .  ? 2.553   -6.064  -0.148  1.00 35.09 ? 25  E96 A C9C   1 
HETATM 504 C C8C   . E96 C 2 .  ? 2.680   -7.449  -0.428  1.00 34.86 ? 25  E96 A C8C   1 
HETATM 505 C C7C   . E96 C 2 .  ? 2.187   -7.974  -1.629  1.00 40.48 ? 25  E96 A C7C   1 
HETATM 506 C C6C   . E96 C 2 .  ? 1.942   -5.210  -1.100  1.00 26.66 ? 25  E96 A C6C   1 
HETATM 507 C C5C   . E96 C 2 .  ? 1.495   -5.768  -2.304  1.00 22.27 ? 25  E96 A C5C   1 
HETATM 508 C C4C   . E96 C 2 .  ? 1.615   -7.096  -2.563  1.00 34.39 ? 25  E96 A C4C   1 
HETATM 509 N N3C   . E96 C 2 .  ? 1.093   -7.361  -3.808  1.00 28.07 ? 25  E96 A N3C   1 
HETATM 510 N N2C   . E96 C 2 .  ? 0.928   -5.170  -3.415  1.00 20.19 ? 25  E96 A N2C   1 
HETATM 511 C C1C   . E96 C 2 .  ? 0.699   -6.177  -4.303  1.00 23.46 ? 25  E96 A C1C   1 
HETATM 512 C C6D   . E96 C 2 .  ? 0.093   -6.021  -5.602  1.00 24.61 ? 25  E96 A C6D   1 
HETATM 513 C C5D   . E96 C 2 .  ? -0.006  -4.756  -6.212  1.00 31.77 ? 25  E96 A C5D   1 
HETATM 514 C C4D   . E96 C 2 .  ? -0.526  -4.632  -7.507  1.00 37.25 ? 25  E96 A C4D   1 
HETATM 515 C C3D   . E96 C 2 .  ? -0.231  -7.151  -6.375  1.00 28.41 ? 25  E96 A C3D   1 
HETATM 516 C C2D   . E96 C 2 .  ? -0.739  -7.030  -7.669  1.00 27.85 ? 25  E96 A C2D   1 
HETATM 517 C C1D   . E96 C 2 .  ? -0.891  -5.763  -8.253  1.00 39.18 ? 25  E96 A C1D   1 
HETATM 518 O OD    . E96 C 2 .  ? -1.387  -5.656  -9.514  1.00 52.49 ? 25  E96 A OD    1 
HETATM 519 O O     . HOH D 3 .  ? 9.836   0.846   -10.463 1.00 11.35 ? 26  HOH A O     1 
HETATM 520 O O     . HOH D 3 .  ? -6.576  -9.865  -6.731  1.00 13.28 ? 27  HOH A O     1 
HETATM 521 O O     . HOH D 3 .  ? 10.081  3.423   -8.941  1.00 19.80 ? 28  HOH A O     1 
HETATM 522 O O     . HOH D 3 .  ? -2.773  -4.462  15.521  1.00 28.59 ? 29  HOH A O     1 
HETATM 523 O O     . HOH D 3 .  ? -6.388  -6.097  -1.614  1.00 14.65 ? 30  HOH A O     1 
HETATM 524 O O     . HOH D 3 .  ? 1.075   2.488   9.547   1.00 31.25 ? 34  HOH A O     1 
HETATM 525 O O     . HOH D 3 .  ? -7.113  -1.788  2.390   1.00 24.64 ? 35  HOH A O     1 
HETATM 526 O O     . HOH D 3 .  ? -4.666  2.478   -2.578  1.00 43.90 ? 38  HOH A O     1 
HETATM 527 O O     . HOH D 3 .  ? 5.423   -6.735  14.040  1.00 46.18 ? 39  HOH A O     1 
HETATM 528 O O     . HOH D 3 .  ? 7.094   14.101  -10.461 1.00 39.46 ? 42  HOH A O     1 
HETATM 529 O O     . HOH D 3 .  ? -7.971  -5.967  -5.234  1.00 16.28 ? 43  HOH A O     1 
HETATM 530 O O     . HOH D 3 .  ? -5.137  8.003   21.357  1.00 22.73 ? 44  HOH A O     1 
HETATM 531 O O     . HOH D 3 .  ? -2.102  4.585   19.958  1.00 33.38 ? 45  HOH A O     1 
HETATM 532 O O     . HOH D 3 .  ? 4.837   9.157   -7.083  1.00 41.70 ? 47  HOH A O     1 
HETATM 533 O O     . HOH D 3 .  ? -5.931  1.167   -0.460  1.00 22.89 ? 48  HOH A O     1 
HETATM 534 O O     . HOH D 3 .  ? 1.991   14.157  -9.926  1.00 40.38 ? 49  HOH A O     1 
HETATM 535 O O     . HOH D 3 .  ? -5.955  -5.601  5.913   1.00 17.93 ? 50  HOH A O     1 
HETATM 536 O O     . HOH D 3 .  ? 0.744   -5.903  12.212  1.00 47.75 ? 53  HOH A O     1 
HETATM 537 O O     . HOH D 3 .  ? 15.264  8.552   -8.420  1.00 30.57 ? 56  HOH A O     1 
HETATM 538 O O     . HOH D 3 .  ? 11.126  -1.390  -11.737 1.00 35.84 ? 57  HOH A O     1 
HETATM 539 O O     . HOH D 3 .  ? 3.250   -1.224  19.898  1.00 45.21 ? 58  HOH A O     1 
HETATM 540 O O     . HOH D 3 .  ? 4.827   1.370   13.797  1.00 40.86 ? 59  HOH A O     1 
HETATM 541 O O     . HOH D 3 .  ? -2.403  -1.930  -10.945 1.00 40.63 ? 61  HOH A O     1 
HETATM 542 O O     . HOH D 3 .  ? 14.028  5.055   -14.872 1.00 28.67 ? 62  HOH A O     1 
HETATM 543 O O     . HOH D 3 .  ? -0.185  -10.596 4.667   1.00 48.95 ? 63  HOH A O     1 
HETATM 544 O O     . HOH D 3 .  ? -1.214  1.640   12.091  1.00 31.14 ? 64  HOH A O     1 
HETATM 545 O O     . HOH D 3 .  ? 2.389   5.879   14.160  1.00 37.53 ? 65  HOH A O     1 
HETATM 546 O O     . HOH D 3 .  ? 13.599  2.111   -15.887 1.00 32.41 ? 67  HOH A O     1 
HETATM 547 O O     . HOH D 3 .  ? -7.100  -2.279  -4.725  1.00 21.35 ? 68  HOH A O     1 
HETATM 548 O O     . HOH D 3 .  ? 3.967   -11.864 5.724   1.00 56.65 ? 69  HOH A O     1 
HETATM 549 O O     . HOH D 3 .  ? 6.313   -4.615  7.016   1.00 38.65 ? 70  HOH A O     1 
HETATM 550 O O     . HOH D 3 .  ? -8.187  1.005   -12.623 1.00 58.23 ? 71  HOH A O     1 
HETATM 551 O O     . HOH D 3 .  ? -0.250  5.536   -3.538  1.00 49.64 ? 72  HOH A O     1 
HETATM 552 O O     . HOH D 3 .  ? -4.645  -4.256  -12.128 1.00 35.09 ? 73  HOH A O     1 
HETATM 553 O O     . HOH D 3 .  ? 17.829  9.484   -8.159  1.00 31.97 ? 74  HOH A O     1 
HETATM 554 O O     . HOH D 3 .  ? 10.543  1.276   -8.322  1.00 16.21 ? 75  HOH A O     1 
HETATM 555 O O     . HOH D 3 .  ? -6.646  -7.398  0.612   1.00 28.76 ? 76  HOH A O     1 
HETATM 556 O O     . HOH D 3 .  ? -6.025  -8.150  -9.221  1.00 18.90 ? 77  HOH A O     1 
HETATM 557 O O     . HOH D 3 .  ? -6.799  2.475   1.458   1.00 33.73 ? 81  HOH A O     1 
HETATM 558 O O     . HOH D 3 .  ? 7.753   7.562   -6.308  1.00 31.30 ? 83  HOH A O     1 
HETATM 559 O O     . HOH D 3 .  ? -8.781  -3.974  -3.798  1.00 29.14 ? 84  HOH A O     1 
HETATM 560 O O     . HOH D 3 .  ? -3.412  -7.893  -9.561  1.00 44.82 ? 85  HOH A O     1 
HETATM 561 O O     . HOH D 3 .  ? -2.443  -0.365  19.572  1.00 37.01 ? 86  HOH A O     1 
HETATM 562 O O     . HOH D 3 .  ? 4.748   -2.794  16.040  1.00 43.31 ? 88  HOH A O     1 
HETATM 563 O O     . HOH D 3 .  ? -2.691  7.582   -6.721  1.00 33.00 ? 89  HOH A O     1 
HETATM 564 O O     . HOH D 3 .  ? -3.854  -7.609  4.723   1.00 25.23 ? 90  HOH A O     1 
HETATM 565 O O     . HOH D 3 .  ? -2.118  9.797   15.149  1.00 31.99 ? 93  HOH A O     1 
HETATM 566 O O     . HOH D 3 .  ? 16.119  1.120   -15.339 1.00 40.59 ? 94  HOH A O     1 
HETATM 567 O O     . HOH D 3 .  ? 1.121   10.840  -7.718  1.00 49.08 ? 96  HOH A O     1 
HETATM 568 O O     . HOH D 3 .  ? -0.017  -7.339  -13.957 1.00 34.07 ? 97  HOH A O     1 
HETATM 569 O O     . HOH D 3 .  ? -2.605  15.152  14.088  1.00 41.08 ? 99  HOH A O     1 
HETATM 570 O O     . HOH D 3 .  ? -2.673  -9.426  -7.245  1.00 31.41 ? 103 HOH A O     1 
HETATM 571 O O     . HOH D 3 .  ? 9.903   7.709   -8.510  1.00 41.07 ? 104 HOH A O     1 
HETATM 572 O O     . HOH D 3 .  ? 2.419   8.976   -6.562  1.00 40.51 ? 106 HOH A O     1 
HETATM 573 O O     . HOH D 3 .  ? -3.973  11.171  -7.774  1.00 32.60 ? 108 HOH A O     1 
HETATM 574 O O     . HOH D 3 .  ? 13.495  12.381  -8.472  1.00 39.67 ? 110 HOH A O     1 
HETATM 575 O O     . HOH D 3 .  ? 5.127   0.480   20.387  1.00 35.38 ? 111 HOH A O     1 
HETATM 576 O O     . HOH D 3 .  ? -5.391  8.065   -11.300 1.00 49.30 ? 112 HOH A O     1 
HETATM 577 O O     . HOH D 3 .  ? 0.592   9.114   16.837  1.00 58.56 ? 115 HOH A O     1 
HETATM 578 O O     . HOH D 3 .  ? 5.793   14.439  -7.800  1.00 54.14 ? 116 HOH A O     1 
HETATM 579 O O     . HOH D 3 .  ? 7.346   1.267   15.224  1.00 44.14 ? 118 HOH A O     1 
HETATM 580 O O     . HOH D 3 .  ? -6.497  6.402   -13.359 1.00 46.64 ? 122 HOH A O     1 
HETATM 581 O O     . HOH D 3 .  ? 4.475   -7.841  5.102   1.00 32.72 ? 123 HOH A O     1 
HETATM 582 O O     . HOH D 3 .  ? 2.247   -5.044  15.647  1.00 35.86 ? 125 HOH A O     1 
HETATM 583 O O     . HOH D 3 .  ? -2.669  -6.803  9.781   1.00 30.56 ? 126 HOH A O     1 
HETATM 584 O O     . HOH D 3 .  ? -7.835  -5.545  4.530   1.00 33.46 ? 127 HOH A O     1 
HETATM 585 O O     . HOH D 3 .  ? -9.175  -4.413  -1.197  1.00 41.16 ? 128 HOH A O     1 
HETATM 586 O O     . HOH D 3 .  ? 2.114   -12.002 2.098   1.00 37.32 ? 132 HOH A O     1 
HETATM 587 O O     . HOH D 3 .  ? -3.728  -8.826  -14.437 1.00 39.03 ? 135 HOH A O     1 
HETATM 588 O O     . HOH D 3 .  ? -6.014  -7.065  -13.721 1.00 37.84 ? 136 HOH A O     1 
HETATM 589 O O     . HOH D 3 .  ? 2.874   14.942  -13.714 1.00 35.82 ? 139 HOH A O     1 
HETATM 590 O O     . HOH D 3 .  ? 5.610   1.310   9.543   1.00 44.97 ? 140 HOH A O     1 
HETATM 591 O O     . HOH D 3 .  ? -3.868  -9.624  -11.594 1.00 52.92 ? 142 HOH A O     1 
HETATM 592 O O     . HOH D 3 .  ? 5.406   3.434   15.822  1.00 49.32 ? 144 HOH A O     1 
HETATM 593 O O     . HOH D 3 .  ? -5.070  -3.287  19.381  1.00 44.25 ? 145 HOH A O     1 
HETATM 594 O O     . HOH D 3 .  ? 5.643   10.542  -4.861  1.00 50.42 ? 149 HOH A O     1 
HETATM 595 O O     . HOH D 3 .  ? -5.129  -8.816  8.962   1.00 54.90 ? 150 HOH A O     1 
HETATM 596 O O     . HOH D 3 .  ? 4.277   2.956   10.431  1.00 44.20 ? 151 HOH A O     1 
HETATM 597 O O     . HOH D 3 .  ? -8.194  -0.043  -2.130  1.00 44.70 ? 153 HOH A O     1 
HETATM 598 O O     . HOH D 3 .  ? 8.058   12.345  -7.743  1.00 38.29 ? 154 HOH A O     1 
HETATM 599 O O     . HOH D 3 .  ? -0.044  -2.916  17.008  1.00 49.78 ? 155 HOH A O     1 
HETATM 600 O O     . HOH D 3 .  ? 6.438   4.739   -5.944  1.00 47.03 ? 158 HOH A O     1 
HETATM 601 O O     . HOH D 3 .  ? 3.880   -2.862  23.491  1.00 37.86 ? 159 HOH A O     1 
HETATM 602 O O     . HOH D 3 .  ? 1.473   -4.449  19.718  1.00 44.57 ? 160 HOH A O     1 
HETATM 603 O O     . HOH D 3 .  ? -2.379  -6.775  17.352  1.00 45.26 ? 163 HOH A O     1 
HETATM 604 O O     . HOH D 3 .  ? 0.895   -13.809 3.822   1.00 30.05 ? 165 HOH A O     1 
HETATM 605 O O     . HOH D 3 .  ? -4.673  -8.399  2.211   1.00 31.07 ? 166 HOH A O     1 
HETATM 606 O O     . HOH D 3 .  ? -3.374  -11.613 -8.849  1.00 49.55 ? 168 HOH A O     1 
HETATM 607 O O     . HOH D 3 .  ? 7.109   19.724  -14.063 1.00 56.46 ? 169 HOH A O     1 
HETATM 608 O O     . HOH D 3 .  ? 1.478   9.248   -1.994  1.00 57.38 ? 170 HOH A O     1 
HETATM 609 O O     . HOH D 3 .  ? 0.104   -7.113  -11.116 1.00 45.18 ? 171 HOH A O     1 
HETATM 610 O O     . HOH D 3 .  ? -1.753  12.735  14.467  1.00 49.42 ? 173 HOH A O     1 
HETATM 611 O O     . HOH D 3 .  ? 5.456   -8.110  8.786   1.00 47.26 ? 174 HOH A O     1 
HETATM 612 O O     . HOH D 3 .  ? -4.957  8.822   -9.131  1.00 54.72 ? 177 HOH A O     1 
HETATM 613 O O     . HOH D 3 .  ? -6.718  -1.785  -12.976 1.00 46.95 ? 180 HOH A O     1 
HETATM 614 O O     . HOH D 3 .  ? 1.555   -1.006  22.236  1.00 43.59 ? 186 HOH A O     1 
HETATM 615 O O     . HOH D 3 .  ? -0.494  -13.582 0.226   1.00 51.73 ? 196 HOH A O     1 
HETATM 616 O O     . HOH D 3 .  ? -2.155  -6.170  19.556  1.00 39.57 ? 197 HOH A O     1 
HETATM 617 O O     . HOH D 3 .  ? 2.982   13.678  -7.705  1.00 53.19 ? 199 HOH A O     1 
HETATM 618 O O     . HOH D 3 .  ? 6.795   -1.196  12.242  1.00 45.42 ? 200 HOH A O     1 
HETATM 619 O O     . HOH D 3 .  ? -1.191  -7.077  14.619  1.00 55.53 ? 201 HOH A O     1 
HETATM 620 O O     . HOH D 3 .  ? 6.745   -0.322  18.968  1.00 36.77 ? 203 HOH A O     1 
HETATM 621 O O     . HOH D 3 .  ? 0.553   11.353  16.312  1.00 64.68 ? 204 HOH A O     1 
HETATM 622 O O     . HOH D 3 .  ? 7.419   2.816   18.572  1.00 51.23 ? 207 HOH A O     1 
HETATM 623 O O     . HOH D 3 .  ? 3.542   -10.217 3.667   1.00 51.99 ? 210 HOH A O     1 
HETATM 624 O O     . HOH D 3 .  ? -1.398  7.282   19.726  1.00 43.29 ? 212 HOH A O     1 
HETATM 625 O O     . HOH D 3 .  ? -8.914  0.275   1.554   1.00 65.46 ? 216 HOH A O     1 
HETATM 626 O O     . HOH D 3 .  ? 4.228   16.234  0.305   1.00 47.04 ? 219 HOH A O     1 
HETATM 627 O O     . HOH D 3 .  ? 6.616   -3.103  14.175  1.00 42.76 ? 225 HOH A O     1 
HETATM 628 O O     . HOH E 3 .  ? 7.058   2.459   1.259   1.00 31.41 ? 31  HOH B O     1 
HETATM 629 O O     . HOH E 3 .  ? -8.497  -5.462  10.728  1.00 41.21 ? 32  HOH B O     1 
HETATM 630 O O     . HOH E 3 .  ? 9.061   -3.235  -13.392 1.00 20.78 ? 33  HOH B O     1 
HETATM 631 O O     . HOH E 3 .  ? -17.998 -1.140  8.933   1.00 34.56 ? 36  HOH B O     1 
HETATM 632 O O     . HOH E 3 .  ? 9.060   -2.382  -8.581  1.00 24.82 ? 37  HOH B O     1 
HETATM 633 O O     . HOH E 3 .  ? 4.253   4.167   -4.760  1.00 38.53 ? 40  HOH B O     1 
HETATM 634 O O     . HOH E 3 .  ? -0.234  6.076   0.551   1.00 38.64 ? 41  HOH B O     1 
HETATM 635 O O     . HOH E 3 .  ? 1.246   10.376  7.849   1.00 29.51 ? 46  HOH B O     1 
HETATM 636 O O     . HOH E 3 .  ? 7.978   1.225   -5.273  1.00 12.70 ? 51  HOH B O     1 
HETATM 637 O O     . HOH E 3 .  ? 0.895   -3.637  -10.217 1.00 37.27 ? 52  HOH B O     1 
HETATM 638 O O     . HOH E 3 .  ? -12.790 3.526   5.165   1.00 57.86 ? 54  HOH B O     1 
HETATM 639 O O     . HOH E 3 .  ? -16.377 -8.622  12.625  1.00 39.44 ? 55  HOH B O     1 
HETATM 640 O O     . HOH E 3 .  ? 2.849   -6.383  -20.734 1.00 43.21 ? 60  HOH B O     1 
HETATM 641 O O     . HOH E 3 .  ? 7.135   -7.785  0.950   1.00 48.57 ? 66  HOH B O     1 
HETATM 642 O O     . HOH E 3 .  ? -7.160  -4.205  19.105  1.00 45.31 ? 78  HOH B O     1 
HETATM 643 O O     . HOH E 3 .  ? -6.044  -5.376  12.103  1.00 27.76 ? 79  HOH B O     1 
HETATM 644 O O     . HOH E 3 .  ? 10.152  -0.866  -17.299 1.00 34.51 ? 80  HOH B O     1 
HETATM 645 O O     . HOH E 3 .  ? -13.787 6.402   6.734   1.00 69.29 ? 82  HOH B O     1 
HETATM 646 O O     . HOH E 3 .  ? -15.808 -4.180  6.759   1.00 46.41 ? 87  HOH B O     1 
HETATM 647 O O     . HOH E 3 .  ? -0.817  4.720   10.636  1.00 24.24 ? 91  HOH B O     1 
HETATM 648 O O     . HOH E 3 .  ? 7.150   -4.370  -17.790 1.00 31.32 ? 92  HOH B O     1 
HETATM 649 O O     . HOH E 3 .  ? 3.396   -11.998 -8.348  1.00 60.48 ? 95  HOH B O     1 
HETATM 650 O O     . HOH E 3 .  ? 1.548   -1.887  -12.235 1.00 33.59 ? 98  HOH B O     1 
HETATM 651 O O     . HOH E 3 .  ? -2.597  5.196   0.701   1.00 42.16 ? 100 HOH B O     1 
HETATM 652 O O     . HOH E 3 .  ? 8.838   3.693   -4.602  1.00 22.66 ? 101 HOH B O     1 
HETATM 653 O O     . HOH E 3 .  ? 1.093   -9.590  -10.179 1.00 36.29 ? 102 HOH B O     1 
HETATM 654 O O     . HOH E 3 .  ? -17.698 2.041   6.327   1.00 54.08 ? 105 HOH B O     1 
HETATM 655 O O     . HOH E 3 .  ? 8.766   -2.939  -20.519 1.00 37.21 ? 107 HOH B O     1 
HETATM 656 O O     . HOH E 3 .  ? 9.152   -5.091  -7.864  1.00 40.95 ? 109 HOH B O     1 
HETATM 657 O O     . HOH E 3 .  ? -4.337  -7.333  12.454  1.00 39.30 ? 113 HOH B O     1 
HETATM 658 O O     . HOH E 3 .  ? 4.234   -10.373 -3.906  1.00 31.85 ? 114 HOH B O     1 
HETATM 659 O O     . HOH E 3 .  ? 9.095   -0.040  -1.792  1.00 35.76 ? 117 HOH B O     1 
HETATM 660 O O     . HOH E 3 .  ? 8.474   -5.540  -12.585 1.00 35.73 ? 119 HOH B O     1 
HETATM 661 O O     . HOH E 3 .  ? 5.549   6.307   3.680   1.00 39.28 ? 120 HOH B O     1 
HETATM 662 O O     . HOH E 3 .  ? -0.133  -12.304 -9.695  1.00 30.71 ? 124 HOH B O     1 
HETATM 663 O O     . HOH E 3 .  ? -0.946  -1.648  -21.893 1.00 35.38 ? 129 HOH B O     1 
HETATM 664 O O     . HOH E 3 .  ? -15.163 3.553   4.813   1.00 48.63 ? 130 HOH B O     1 
HETATM 665 O O     . HOH E 3 .  ? 5.385   5.847   -1.723  1.00 48.21 ? 131 HOH B O     1 
HETATM 666 O O     . HOH E 3 .  ? 4.719   -9.703  -12.516 1.00 52.58 ? 134 HOH B O     1 
HETATM 667 O O     . HOH E 3 .  ? -1.382  8.006   2.723   1.00 45.55 ? 137 HOH B O     1 
HETATM 668 O O     . HOH E 3 .  ? 7.298   -5.445  -23.973 1.00 45.13 ? 138 HOH B O     1 
HETATM 669 O O     . HOH E 3 .  ? -10.585 2.311   4.651   1.00 53.63 ? 141 HOH B O     1 
HETATM 670 O O     . HOH E 3 .  ? 13.168  -1.361  -15.833 1.00 34.60 ? 146 HOH B O     1 
HETATM 671 O O     . HOH E 3 .  ? 7.299   -7.261  -14.622 1.00 32.27 ? 148 HOH B O     1 
HETATM 672 O O     . HOH E 3 .  ? -18.181 -7.227  12.925  1.00 48.58 ? 152 HOH B O     1 
HETATM 673 O O     . HOH E 3 .  ? 10.746  -6.174  0.791   1.00 48.28 ? 156 HOH B O     1 
HETATM 674 O O     . HOH E 3 .  ? 6.411   -5.985  -19.690 1.00 46.44 ? 157 HOH B O     1 
HETATM 675 O O     . HOH E 3 .  ? 6.570   -2.465  -20.033 1.00 65.24 ? 161 HOH B O     1 
HETATM 676 O O     . HOH E 3 .  ? -13.030 11.748  6.966   1.00 34.96 ? 162 HOH B O     1 
HETATM 677 O O     . HOH E 3 .  ? 14.179  -5.250  -14.917 1.00 54.29 ? 164 HOH B O     1 
HETATM 678 O O     . HOH E 3 .  ? 11.593  -1.995  2.059   1.00 56.16 ? 172 HOH B O     1 
HETATM 679 O O     . HOH E 3 .  ? 8.317   -4.798  4.171   1.00 38.37 ? 175 HOH B O     1 
HETATM 680 O O     . HOH E 3 .  ? 4.642   -3.753  -22.642 1.00 34.31 ? 178 HOH B O     1 
HETATM 681 O O     . HOH E 3 .  ? -15.658 -10.516 17.543  1.00 54.09 ? 182 HOH B O     1 
HETATM 682 O O     . HOH E 3 .  ? -14.213 -1.792  6.535   1.00 66.63 ? 185 HOH B O     1 
HETATM 683 O O     . HOH E 3 .  ? -6.897  0.110   3.790   1.00 43.78 ? 188 HOH B O     1 
HETATM 684 O O     . HOH E 3 .  ? 6.768   6.209   1.736   1.00 60.73 ? 191 HOH B O     1 
HETATM 685 O O     . HOH E 3 .  ? -12.099 -4.396  7.829   1.00 42.17 ? 192 HOH B O     1 
HETATM 686 O O     . HOH E 3 .  ? 14.401  -0.446  2.371   1.00 64.60 ? 193 HOH B O     1 
HETATM 687 O O     . HOH E 3 .  ? -20.889 -7.531  9.552   1.00 44.33 ? 195 HOH B O     1 
HETATM 688 O O     . HOH E 3 .  ? -10.961 3.551   1.589   1.00 46.32 ? 198 HOH B O     1 
HETATM 689 O O     . HOH E 3 .  ? 10.266  0.639   2.755   1.00 59.72 ? 205 HOH B O     1 
HETATM 690 O O     . HOH E 3 .  ? -18.898 -6.150  8.064   1.00 44.87 ? 213 HOH B O     1 
HETATM 691 O O     . HOH E 3 .  ? -8.104  -2.052  5.636   1.00 45.83 ? 218 HOH B O     1 
HETATM 692 O O     . HOH E 3 .  ? 14.787  -1.734  -17.423 1.00 45.36 ? 223 HOH B O     1 
# 
